data_5JMP
#
_entry.id   5JMP
#
_cell.length_a   51.718
_cell.length_b   56.580
_cell.length_c   85.660
_cell.angle_alpha   104.13
_cell.angle_beta   103.33
_cell.angle_gamma   100.12
#
_symmetry.space_group_name_H-M   'P 1'
#
loop_
_entity.id
_entity.type
_entity.pdbx_description
1 polymer '1-deoxy-D-xylulose 5-phosphate reductoisomerase, apicoplastic'
2 non-polymer '[(2R)-5-(3-fluorophenyl)-2-{2-[hydroxy(methyl)amino]-2-oxoethyl}pentyl]phosphonic acid'
3 non-polymer 'MANGANESE (II) ION'
4 non-polymer GLYCEROL
5 non-polymer 4-ethylmorpholine
6 non-polymer 1,2-ETHANEDIOL
7 water water
#
_entity_poly.entity_id   1
_entity_poly.type   'polypeptide(L)'
_entity_poly.pdbx_seq_one_letter_code
;MAHHHHHHKKPINVAIFGSTGSIGTNALNIIRECNKIENVFNVKALYVNKSVNELYEQAREFLPEYLCIHDKSVYEELKE
LVKNIKDYKPIILCGDEGMKEICSSNSIDKIVIGIDSFQGLYSTMYAIMNNKIVALANKESIVSAGFFLKKLLNIHKNAK
IIPVDSEHSAIFQCLDNNKVLKTKCLQDNFSKINNINKIFLCSSGGPFQNLTMDELKNVTSENALKHPKWKMGKKITIDS
ATMMNKGLEVIETHFLFDVDYNDIEVIVHKECIIHSCVEFIDKSVISQMYYPDMQIPILYSLTWPDRIKTNLKPLDLAQV
STLTFHKPSLEHFPCIKLAYQAGIKGNFYPTVLNASNEIANNLFLNNKIKYFDISSIISQVLESFNSQKVSENSEDLMKQ
ILQIHSWAKDKATDIYNKHNSS
;
_entity_poly.pdbx_strand_id   A,B
#
# COMPACT_ATOMS: atom_id res chain seq x y z
N PRO A 11 -7.70 -11.62 23.58
CA PRO A 11 -8.45 -12.51 22.71
C PRO A 11 -9.66 -11.81 22.09
N ILE A 12 -9.94 -12.11 20.82
CA ILE A 12 -10.96 -11.39 20.05
C ILE A 12 -12.26 -12.20 20.07
N ASN A 13 -13.30 -11.61 20.65
CA ASN A 13 -14.58 -12.24 20.84
C ASN A 13 -15.52 -11.92 19.68
N VAL A 14 -15.83 -12.93 18.87
N VAL A 14 -15.82 -12.93 18.86
CA VAL A 14 -16.50 -12.72 17.59
CA VAL A 14 -16.50 -12.76 17.58
C VAL A 14 -17.81 -13.50 17.41
C VAL A 14 -17.85 -13.47 17.50
N ALA A 15 -18.82 -12.82 16.86
CA ALA A 15 -20.07 -13.44 16.46
C ALA A 15 -20.11 -13.50 14.94
N ILE A 16 -20.63 -14.59 14.41
CA ILE A 16 -20.79 -14.76 12.97
C ILE A 16 -22.29 -14.91 12.64
N PHE A 17 -22.82 -13.97 11.87
CA PHE A 17 -24.22 -13.97 11.44
C PHE A 17 -24.28 -14.50 10.00
N GLY A 18 -25.02 -15.59 9.82
CA GLY A 18 -25.01 -16.34 8.56
C GLY A 18 -23.81 -17.25 8.47
N SER A 19 -23.55 -18.03 9.52
CA SER A 19 -22.31 -18.82 9.60
C SER A 19 -22.18 -19.97 8.59
N THR A 20 -23.28 -20.35 7.91
CA THR A 20 -23.26 -21.40 6.88
C THR A 20 -23.23 -20.89 5.44
N GLY A 21 -23.29 -19.56 5.25
CA GLY A 21 -23.09 -18.95 3.94
C GLY A 21 -21.62 -18.88 3.58
N SER A 22 -21.34 -18.28 2.41
CA SER A 22 -19.98 -18.18 1.90
C SER A 22 -19.05 -17.36 2.81
N ILE A 23 -19.51 -16.19 3.22
CA ILE A 23 -18.71 -15.32 4.11
C ILE A 23 -18.49 -15.99 5.46
N GLY A 24 -19.54 -16.56 6.03
CA GLY A 24 -19.48 -17.22 7.32
C GLY A 24 -18.55 -18.42 7.36
N THR A 25 -18.60 -19.24 6.31
CA THR A 25 -17.75 -20.43 6.23
C THR A 25 -16.29 -20.04 6.00
N ASN A 26 -16.04 -19.05 5.14
CA ASN A 26 -14.69 -18.50 4.99
C ASN A 26 -14.14 -17.87 6.29
N ALA A 27 -15.01 -17.20 7.06
CA ALA A 27 -14.61 -16.62 8.34
C ALA A 27 -14.20 -17.71 9.34
N LEU A 28 -15.03 -18.75 9.48
CA LEU A 28 -14.72 -19.86 10.40
C LEU A 28 -13.45 -20.61 9.98
N ASN A 29 -13.22 -20.74 8.68
CA ASN A 29 -11.99 -21.39 8.15
C ASN A 29 -10.71 -20.65 8.52
N ILE A 30 -10.71 -19.33 8.29
CA ILE A 30 -9.53 -18.54 8.62
C ILE A 30 -9.35 -18.43 10.14
N ILE A 31 -10.46 -18.34 10.87
CA ILE A 31 -10.42 -18.40 12.34
C ILE A 31 -9.78 -19.71 12.83
N ARG A 32 -10.25 -20.84 12.32
CA ARG A 32 -9.69 -22.17 12.63
C ARG A 32 -8.19 -22.18 12.39
N GLU A 33 -7.80 -21.77 11.19
CA GLU A 33 -6.40 -21.85 10.79
C GLU A 33 -5.48 -20.91 11.59
N CYS A 34 -5.94 -19.67 11.84
CA CYS A 34 -5.17 -18.75 12.69
C CYS A 34 -5.06 -19.23 14.14
N ASN A 35 -6.12 -19.82 14.66
CA ASN A 35 -6.13 -20.34 16.04
C ASN A 35 -5.19 -21.52 16.25
N LYS A 36 -4.96 -22.30 15.21
CA LYS A 36 -3.92 -23.35 15.25
C LYS A 36 -2.52 -22.77 15.48
N ILE A 37 -2.28 -21.57 14.94
CA ILE A 37 -0.99 -20.91 15.08
C ILE A 37 -0.88 -20.26 16.47
N GLU A 38 -1.92 -19.57 16.88
CA GLU A 38 -1.97 -18.93 18.20
C GLU A 38 -3.42 -18.67 18.59
N ASN A 39 -3.77 -18.91 19.85
CA ASN A 39 -5.16 -18.71 20.28
C ASN A 39 -5.52 -17.21 20.29
N VAL A 40 -6.16 -16.76 19.22
CA VAL A 40 -6.50 -15.35 19.03
C VAL A 40 -8.01 -15.11 19.14
N PHE A 41 -8.83 -16.01 18.60
CA PHE A 41 -10.27 -15.78 18.48
C PHE A 41 -11.06 -16.69 19.39
N ASN A 42 -12.08 -16.12 20.04
CA ASN A 42 -13.11 -16.88 20.70
C ASN A 42 -14.38 -16.66 19.90
N VAL A 43 -14.89 -17.72 19.27
CA VAL A 43 -16.15 -17.66 18.54
C VAL A 43 -17.28 -17.76 19.58
N LYS A 44 -17.94 -16.63 19.83
CA LYS A 44 -18.92 -16.50 20.92
C LYS A 44 -20.36 -16.80 20.51
N ALA A 45 -20.67 -16.66 19.23
CA ALA A 45 -22.03 -16.83 18.72
C ALA A 45 -22.06 -17.21 17.26
N LEU A 46 -22.97 -18.12 16.94
CA LEU A 46 -23.27 -18.50 15.57
C LEU A 46 -24.77 -18.37 15.35
N TYR A 47 -25.12 -17.85 14.17
CA TYR A 47 -26.50 -17.53 13.81
C TYR A 47 -26.71 -17.98 12.36
N VAL A 48 -27.71 -18.84 12.14
CA VAL A 48 -28.08 -19.31 10.80
C VAL A 48 -29.59 -19.16 10.58
N ASN A 49 -30.00 -19.26 9.33
CA ASN A 49 -31.43 -19.28 8.98
C ASN A 49 -32.09 -20.61 9.40
N LYS A 50 -31.71 -21.70 8.73
CA LYS A 50 -32.40 -23.01 8.85
C LYS A 50 -31.53 -24.28 8.97
N SER A 51 -30.22 -24.18 8.72
CA SER A 51 -29.35 -25.35 8.61
C SER A 51 -28.94 -25.89 9.99
N VAL A 52 -29.87 -26.55 10.67
CA VAL A 52 -29.63 -27.11 12.01
C VAL A 52 -28.47 -28.09 12.10
N ASN A 53 -28.35 -28.97 11.10
CA ASN A 53 -27.27 -29.95 11.10
C ASN A 53 -25.91 -29.28 10.92
N GLU A 54 -25.82 -28.33 9.98
CA GLU A 54 -24.59 -27.55 9.77
C GLU A 54 -24.20 -26.73 11.01
N LEU A 55 -25.18 -26.11 11.65
CA LEU A 55 -24.96 -25.34 12.88
C LEU A 55 -24.50 -26.23 14.03
N TYR A 56 -25.14 -27.40 14.17
CA TYR A 56 -24.71 -28.41 15.16
C TYR A 56 -23.22 -28.79 14.97
N GLU A 57 -22.82 -29.05 13.73
CA GLU A 57 -21.43 -29.40 13.42
C GLU A 57 -20.46 -28.27 13.74
N GLN A 58 -20.85 -27.03 13.44
CA GLN A 58 -20.04 -25.86 13.82
C GLN A 58 -19.96 -25.69 15.33
N ALA A 59 -21.09 -25.91 16.00
CA ALA A 59 -21.15 -25.84 17.46
C ALA A 59 -20.28 -26.89 18.16
N ARG A 60 -20.22 -28.09 17.58
CA ARG A 60 -19.36 -29.17 18.11
C ARG A 60 -17.88 -28.80 18.04
N GLU A 61 -17.48 -28.10 16.99
CA GLU A 61 -16.09 -27.63 16.85
C GLU A 61 -15.80 -26.35 17.65
N PHE A 62 -16.61 -25.31 17.45
CA PHE A 62 -16.32 -23.98 17.97
C PHE A 62 -16.84 -23.70 19.39
N LEU A 63 -17.79 -24.51 19.86
CA LEU A 63 -18.37 -24.38 21.20
C LEU A 63 -18.74 -22.94 21.62
N PRO A 64 -19.53 -22.24 20.79
CA PRO A 64 -19.92 -20.87 21.15
C PRO A 64 -20.87 -20.78 22.33
N GLU A 65 -20.73 -19.72 23.12
CA GLU A 65 -21.65 -19.43 24.23
C GLU A 65 -23.10 -19.34 23.75
N TYR A 66 -23.32 -18.76 22.56
CA TYR A 66 -24.65 -18.57 21.96
C TYR A 66 -24.85 -19.35 20.66
N LEU A 67 -26.05 -19.91 20.50
CA LEU A 67 -26.51 -20.46 19.21
C LEU A 67 -27.85 -19.85 18.92
N CYS A 68 -28.07 -19.48 17.66
CA CYS A 68 -29.34 -18.89 17.26
C CYS A 68 -29.72 -19.38 15.89
N ILE A 69 -31.01 -19.64 15.72
CA ILE A 69 -31.52 -20.06 14.44
C ILE A 69 -32.80 -19.29 14.18
N HIS A 70 -32.96 -18.75 12.96
CA HIS A 70 -34.12 -17.93 12.63
C HIS A 70 -35.42 -18.77 12.65
N ASP A 71 -35.38 -19.89 11.95
CA ASP A 71 -36.54 -20.76 11.74
C ASP A 71 -36.97 -21.49 13.03
N LYS A 72 -38.18 -21.16 13.51
CA LYS A 72 -38.73 -21.71 14.77
C LYS A 72 -39.03 -23.21 14.73
N SER A 73 -39.33 -23.73 13.54
CA SER A 73 -39.69 -25.14 13.37
C SER A 73 -38.53 -26.13 13.59
N VAL A 74 -37.29 -25.64 13.55
CA VAL A 74 -36.11 -26.47 13.82
C VAL A 74 -35.38 -26.10 15.13
N TYR A 75 -36.03 -25.27 15.96
CA TYR A 75 -35.44 -24.81 17.22
C TYR A 75 -35.29 -25.93 18.24
N GLU A 76 -36.33 -26.76 18.39
CA GLU A 76 -36.31 -27.86 19.36
C GLU A 76 -35.35 -28.97 18.90
N GLU A 77 -35.30 -29.19 17.58
CA GLU A 77 -34.33 -30.11 16.99
C GLU A 77 -32.90 -29.72 17.37
N LEU A 78 -32.60 -28.42 17.34
CA LEU A 78 -31.28 -27.88 17.70
C LEU A 78 -30.94 -28.17 19.16
N LYS A 79 -31.91 -27.94 20.06
CA LYS A 79 -31.71 -28.20 21.49
C LYS A 79 -31.29 -29.66 21.76
N GLU A 80 -31.99 -30.61 21.15
CA GLU A 80 -31.75 -32.04 21.39
C GLU A 80 -30.45 -32.54 20.75
N LEU A 81 -30.12 -32.03 19.56
CA LEU A 81 -28.81 -32.32 18.93
C LEU A 81 -27.65 -31.91 19.82
N VAL A 82 -27.74 -30.71 20.40
CA VAL A 82 -26.64 -30.13 21.18
C VAL A 82 -26.36 -30.90 22.49
N LYS A 83 -27.34 -31.65 23.01
CA LYS A 83 -27.11 -32.52 24.18
C LYS A 83 -26.03 -33.59 23.95
N ASN A 84 -25.77 -33.93 22.70
CA ASN A 84 -24.68 -34.84 22.33
C ASN A 84 -23.26 -34.31 22.56
N ILE A 85 -23.10 -32.99 22.69
CA ILE A 85 -21.77 -32.39 22.81
C ILE A 85 -21.34 -32.39 24.27
N LYS A 86 -20.17 -32.98 24.53
CA LYS A 86 -19.67 -33.12 25.90
C LYS A 86 -19.24 -31.78 26.49
N ASP A 87 -19.54 -31.58 27.78
CA ASP A 87 -19.05 -30.43 28.57
C ASP A 87 -19.43 -29.07 27.95
N TYR A 88 -20.70 -28.92 27.55
CA TYR A 88 -21.16 -27.78 26.75
C TYR A 88 -22.61 -27.43 27.05
N LYS A 89 -22.83 -26.21 27.55
CA LYS A 89 -24.16 -25.72 27.92
C LYS A 89 -24.42 -24.32 27.34
N PRO A 90 -24.65 -24.26 26.01
CA PRO A 90 -24.84 -22.97 25.35
C PRO A 90 -26.21 -22.36 25.62
N ILE A 91 -26.30 -21.05 25.45
CA ILE A 91 -27.57 -20.35 25.42
C ILE A 91 -28.12 -20.50 24.01
N ILE A 92 -29.26 -21.18 23.87
CA ILE A 92 -29.82 -21.56 22.57
C ILE A 92 -31.06 -20.70 22.34
N LEU A 93 -31.04 -19.91 21.27
CA LEU A 93 -32.02 -18.86 21.02
C LEU A 93 -32.62 -18.99 19.64
N CYS A 94 -33.61 -18.15 19.34
CA CYS A 94 -34.36 -18.24 18.10
C CYS A 94 -34.82 -16.87 17.58
N GLY A 95 -34.80 -16.71 16.26
CA GLY A 95 -35.43 -15.56 15.58
C GLY A 95 -34.74 -14.22 15.72
N ASP A 96 -35.44 -13.16 15.32
CA ASP A 96 -34.99 -11.76 15.51
C ASP A 96 -34.72 -11.41 16.97
N GLU A 97 -35.47 -12.02 17.89
CA GLU A 97 -35.27 -11.84 19.33
C GLU A 97 -33.91 -12.37 19.80
N GLY A 98 -33.54 -13.57 19.30
CA GLY A 98 -32.22 -14.13 19.60
C GLY A 98 -31.09 -13.31 19.02
N MET A 99 -31.26 -12.86 17.79
CA MET A 99 -30.32 -11.94 17.16
C MET A 99 -30.07 -10.68 18.01
N LYS A 100 -31.13 -10.03 18.48
CA LYS A 100 -31.01 -8.85 19.35
C LYS A 100 -30.25 -9.15 20.63
N GLU A 101 -30.53 -10.30 21.23
CA GLU A 101 -29.85 -10.73 22.44
C GLU A 101 -28.35 -10.96 22.21
N ILE A 102 -27.99 -11.56 21.08
CA ILE A 102 -26.57 -11.76 20.75
C ILE A 102 -25.85 -10.39 20.63
N CYS A 103 -26.45 -9.45 19.88
CA CYS A 103 -25.86 -8.09 19.71
C CYS A 103 -25.69 -7.29 21.00
N SER A 104 -26.55 -7.56 21.99
CA SER A 104 -26.46 -6.87 23.28
C SER A 104 -25.54 -7.53 24.30
N SER A 105 -24.95 -8.67 23.96
CA SER A 105 -24.08 -9.36 24.90
C SER A 105 -22.80 -8.56 25.13
N ASN A 106 -22.45 -8.39 26.41
CA ASN A 106 -21.20 -7.75 26.79
C ASN A 106 -19.96 -8.59 26.49
N SER A 107 -20.13 -9.89 26.23
CA SER A 107 -18.99 -10.77 25.90
C SER A 107 -18.69 -10.86 24.39
N ILE A 108 -19.35 -10.04 23.56
CA ILE A 108 -19.12 -10.03 22.11
C ILE A 108 -18.59 -8.65 21.71
N ASP A 109 -17.48 -8.64 20.99
CA ASP A 109 -16.87 -7.39 20.56
C ASP A 109 -17.03 -7.09 19.07
N LYS A 110 -16.94 -8.12 18.24
CA LYS A 110 -16.98 -7.95 16.79
C LYS A 110 -18.01 -8.88 16.18
N ILE A 111 -18.75 -8.39 15.19
CA ILE A 111 -19.83 -9.13 14.57
C ILE A 111 -19.61 -9.14 13.05
N VAL A 112 -19.47 -10.34 12.49
CA VAL A 112 -19.40 -10.50 11.04
C VAL A 112 -20.81 -10.62 10.49
N ILE A 113 -21.19 -9.71 9.58
CA ILE A 113 -22.52 -9.73 8.98
C ILE A 113 -22.42 -10.38 7.59
N GLY A 114 -22.73 -11.67 7.54
CA GLY A 114 -22.72 -12.44 6.29
C GLY A 114 -24.14 -12.82 5.85
N ILE A 115 -25.11 -11.97 6.15
CA ILE A 115 -26.51 -12.14 5.76
C ILE A 115 -26.86 -11.00 4.79
N ASP A 116 -27.73 -11.30 3.83
CA ASP A 116 -28.18 -10.33 2.81
C ASP A 116 -29.57 -9.77 3.11
N SER A 117 -30.03 -8.86 2.25
CA SER A 117 -31.42 -8.36 2.26
C SER A 117 -31.76 -7.62 3.57
N PHE A 118 -33.00 -7.74 4.07
CA PHE A 118 -33.43 -7.02 5.28
C PHE A 118 -32.73 -7.51 6.55
N GLN A 119 -32.57 -8.83 6.68
CA GLN A 119 -31.98 -9.40 7.90
C GLN A 119 -30.52 -8.97 8.09
N GLY A 120 -29.81 -8.70 6.98
CA GLY A 120 -28.48 -8.11 7.03
C GLY A 120 -28.48 -6.69 7.58
N LEU A 121 -29.33 -5.84 7.00
CA LEU A 121 -29.47 -4.45 7.47
C LEU A 121 -29.99 -4.39 8.92
N TYR A 122 -30.97 -5.23 9.23
CA TYR A 122 -31.55 -5.30 10.58
C TYR A 122 -30.52 -5.69 11.65
N SER A 123 -29.70 -6.70 11.36
CA SER A 123 -28.64 -7.15 12.27
CA SER A 123 -28.65 -7.13 12.30
C SER A 123 -27.52 -6.10 12.42
N THR A 124 -27.15 -5.48 11.31
CA THR A 124 -26.18 -4.37 11.30
C THR A 124 -26.66 -3.23 12.20
N MET A 125 -27.94 -2.88 12.07
CA MET A 125 -28.54 -1.83 12.91
C MET A 125 -28.40 -2.16 14.39
N TYR A 126 -28.76 -3.39 14.75
CA TYR A 126 -28.66 -3.81 16.16
C TYR A 126 -27.22 -3.87 16.68
N ALA A 127 -26.30 -4.32 15.83
CA ALA A 127 -24.88 -4.32 16.19
C ALA A 127 -24.37 -2.89 16.45
N ILE A 128 -24.75 -1.96 15.58
CA ILE A 128 -24.35 -0.55 15.74
C ILE A 128 -24.98 0.07 16.99
N MET A 129 -26.27 -0.19 17.22
CA MET A 129 -26.93 0.32 18.43
C MET A 129 -26.23 -0.15 19.72
N ASN A 130 -25.64 -1.34 19.69
CA ASN A 130 -24.91 -1.86 20.86
C ASN A 130 -23.41 -1.56 20.82
N ASN A 131 -23.01 -0.64 19.94
CA ASN A 131 -21.65 -0.07 19.95
C ASN A 131 -20.57 -1.09 19.60
N LYS A 132 -20.88 -2.00 18.69
CA LYS A 132 -19.96 -3.07 18.32
C LYS A 132 -19.14 -2.70 17.09
N ILE A 133 -18.09 -3.47 16.84
CA ILE A 133 -17.37 -3.43 15.56
C ILE A 133 -18.14 -4.37 14.64
N VAL A 134 -18.51 -3.87 13.47
CA VAL A 134 -19.34 -4.59 12.51
C VAL A 134 -18.50 -4.81 11.27
N ALA A 135 -18.12 -6.08 11.03
CA ALA A 135 -17.44 -6.49 9.80
C ALA A 135 -18.51 -6.78 8.74
N LEU A 136 -18.68 -5.84 7.81
CA LEU A 136 -19.86 -5.83 6.96
C LEU A 136 -19.55 -6.26 5.54
N ALA A 137 -20.09 -7.40 5.15
CA ALA A 137 -19.94 -7.91 3.78
C ALA A 137 -21.11 -7.53 2.85
N ASN A 138 -22.28 -7.24 3.40
CA ASN A 138 -23.48 -6.87 2.60
C ASN A 138 -23.40 -5.46 1.99
N LYS A 139 -22.95 -5.37 0.73
CA LYS A 139 -22.76 -4.08 0.06
C LYS A 139 -24.10 -3.41 -0.28
N GLU A 140 -25.13 -4.22 -0.52
CA GLU A 140 -26.46 -3.69 -0.83
C GLU A 140 -27.01 -2.82 0.29
N SER A 141 -26.75 -3.19 1.54
CA SER A 141 -27.18 -2.40 2.70
C SER A 141 -26.55 -1.00 2.77
N ILE A 142 -25.27 -0.89 2.38
CA ILE A 142 -24.56 0.39 2.32
C ILE A 142 -25.11 1.24 1.16
N VAL A 143 -25.32 0.63 0.00
CA VAL A 143 -25.87 1.33 -1.17
C VAL A 143 -27.29 1.82 -0.89
N SER A 144 -28.12 0.96 -0.33
CA SER A 144 -29.53 1.28 -0.10
C SER A 144 -29.76 2.19 1.09
N ALA A 145 -29.00 1.97 2.16
CA ALA A 145 -29.29 2.59 3.46
C ALA A 145 -28.15 3.40 4.03
N GLY A 146 -27.24 3.85 3.15
CA GLY A 146 -26.10 4.66 3.55
C GLY A 146 -26.41 5.84 4.45
N PHE A 147 -27.46 6.60 4.13
CA PHE A 147 -27.85 7.74 4.97
C PHE A 147 -28.20 7.30 6.39
N PHE A 148 -28.94 6.21 6.49
CA PHE A 148 -29.38 5.67 7.79
C PHE A 148 -28.19 5.14 8.58
N LEU A 149 -27.29 4.40 7.92
CA LEU A 149 -26.09 3.88 8.60
C LEU A 149 -25.20 5.01 9.10
N LYS A 150 -25.02 6.04 8.27
CA LYS A 150 -24.25 7.23 8.64
C LYS A 150 -24.82 7.94 9.89
N LYS A 151 -26.13 8.14 9.90
CA LYS A 151 -26.80 8.77 11.04
C LYS A 151 -26.63 7.92 12.32
N LEU A 152 -26.85 6.61 12.19
CA LEU A 152 -26.72 5.70 13.32
C LEU A 152 -25.28 5.71 13.88
N LEU A 153 -24.28 5.75 12.99
CA LEU A 153 -22.88 5.80 13.40
C LEU A 153 -22.47 7.11 14.08
N ASN A 154 -23.17 8.20 13.76
CA ASN A 154 -22.97 9.45 14.48
C ASN A 154 -23.61 9.47 15.86
N ILE A 155 -24.71 8.73 16.04
CA ILE A 155 -25.35 8.58 17.36
C ILE A 155 -24.52 7.65 18.25
N HIS A 156 -24.14 6.50 17.70
CA HIS A 156 -23.41 5.47 18.45
C HIS A 156 -21.93 5.59 18.10
N LYS A 157 -21.25 6.42 18.89
CA LYS A 157 -19.93 6.93 18.53
C LYS A 157 -18.83 5.87 18.61
N ASN A 158 -19.03 4.85 19.43
CA ASN A 158 -18.06 3.77 19.54
C ASN A 158 -18.30 2.62 18.58
N ALA A 159 -19.45 2.60 17.90
CA ALA A 159 -19.70 1.62 16.85
C ALA A 159 -18.81 1.93 15.65
N LYS A 160 -18.40 0.87 14.93
CA LYS A 160 -17.64 1.02 13.69
C LYS A 160 -18.09 0.01 12.66
N ILE A 161 -18.12 0.43 11.40
CA ILE A 161 -18.25 -0.49 10.27
C ILE A 161 -16.85 -0.67 9.70
N ILE A 162 -16.41 -1.93 9.53
CA ILE A 162 -15.15 -2.27 8.87
C ILE A 162 -15.50 -3.06 7.59
N PRO A 163 -15.01 -2.61 6.42
CA PRO A 163 -15.45 -3.25 5.17
C PRO A 163 -14.82 -4.63 4.93
N VAL A 164 -15.65 -5.57 4.46
CA VAL A 164 -15.23 -6.94 4.09
C VAL A 164 -15.22 -7.15 2.58
N ASP A 165 -16.07 -6.43 1.85
CA ASP A 165 -16.06 -6.46 0.37
C ASP A 165 -14.61 -6.28 -0.10
N SER A 166 -14.12 -7.16 -0.98
CA SER A 166 -12.67 -7.29 -1.19
C SER A 166 -11.96 -6.00 -1.64
N GLU A 167 -12.61 -5.24 -2.51
CA GLU A 167 -12.04 -4.01 -3.04
C GLU A 167 -11.97 -2.94 -1.95
N HIS A 168 -12.97 -2.94 -1.07
CA HIS A 168 -13.11 -1.92 -0.03
C HIS A 168 -12.20 -2.25 1.14
N SER A 169 -12.02 -3.54 1.40
CA SER A 169 -10.97 -4.01 2.30
C SER A 169 -9.60 -3.59 1.77
N ALA A 170 -9.38 -3.76 0.47
CA ALA A 170 -8.12 -3.34 -0.15
C ALA A 170 -7.82 -1.86 0.10
N ILE A 171 -8.80 -1.02 -0.21
CA ILE A 171 -8.69 0.43 0.00
C ILE A 171 -8.36 0.72 1.46
N PHE A 172 -9.12 0.11 2.36
CA PHE A 172 -8.94 0.28 3.80
C PHE A 172 -7.52 -0.13 4.25
N GLN A 173 -7.02 -1.25 3.71
CA GLN A 173 -5.65 -1.73 3.98
C GLN A 173 -4.55 -0.80 3.42
N CYS A 174 -4.89 0.02 2.43
CA CYS A 174 -3.96 0.99 1.86
C CYS A 174 -3.84 2.28 2.66
N LEU A 175 -4.65 2.43 3.71
CA LEU A 175 -4.69 3.65 4.49
C LEU A 175 -3.82 3.54 5.73
N ASP A 176 -3.30 4.68 6.16
CA ASP A 176 -2.45 4.81 7.33
C ASP A 176 -3.33 4.79 8.58
N ASN A 177 -3.16 3.77 9.42
CA ASN A 177 -4.02 3.66 10.63
C ASN A 177 -3.79 4.76 11.66
N ASN A 178 -2.64 5.44 11.59
CA ASN A 178 -2.45 6.64 12.40
C ASN A 178 -3.46 7.74 12.00
N LYS A 179 -3.91 7.74 10.74
CA LYS A 179 -5.00 8.65 10.29
C LYS A 179 -6.38 8.02 10.48
N VAL A 180 -6.53 6.73 10.15
CA VAL A 180 -7.83 6.05 10.25
C VAL A 180 -8.41 6.14 11.68
N LEU A 181 -7.55 5.96 12.67
CA LEU A 181 -7.95 6.00 14.07
C LEU A 181 -8.44 7.38 14.55
N LYS A 182 -8.20 8.42 13.78
CA LYS A 182 -8.75 9.77 14.05
C LYS A 182 -10.18 9.95 13.53
N THR A 183 -10.68 8.98 12.78
CA THR A 183 -12.01 9.03 12.18
C THR A 183 -12.61 7.61 12.20
N LYS A 184 -13.55 7.33 11.31
CA LYS A 184 -14.04 5.96 11.08
C LYS A 184 -14.80 5.94 9.77
N CYS A 185 -14.98 4.75 9.19
CA CYS A 185 -15.71 4.61 7.94
C CYS A 185 -17.14 5.17 8.02
N LEU A 186 -17.60 5.69 6.89
CA LEU A 186 -18.88 6.42 6.76
C LEU A 186 -18.95 7.80 7.43
N GLN A 187 -17.83 8.32 7.90
CA GLN A 187 -17.81 9.67 8.48
C GLN A 187 -17.58 10.68 7.39
N ASP A 188 -18.28 11.81 7.48
CA ASP A 188 -17.89 13.00 6.75
C ASP A 188 -16.44 13.34 7.04
N ASN A 189 -15.71 13.71 5.99
CA ASN A 189 -14.31 14.14 6.04
C ASN A 189 -13.31 12.99 6.17
N PHE A 190 -13.78 11.75 5.99
CA PHE A 190 -12.90 10.59 6.03
C PHE A 190 -11.74 10.70 5.04
N SER A 191 -12.05 11.10 3.80
N SER A 191 -12.03 11.09 3.80
CA SER A 191 -11.02 11.25 2.77
CA SER A 191 -10.99 11.24 2.79
C SER A 191 -10.03 12.37 3.10
C SER A 191 -10.02 12.37 3.11
N LYS A 192 -10.55 13.50 3.59
CA LYS A 192 -9.71 14.63 4.01
C LYS A 192 -8.72 14.25 5.13
N ILE A 193 -9.21 13.57 6.16
CA ILE A 193 -8.36 13.14 7.27
C ILE A 193 -7.28 12.13 6.80
N ASN A 194 -7.65 11.27 5.85
CA ASN A 194 -6.75 10.24 5.34
C ASN A 194 -5.91 10.67 4.12
N ASN A 195 -6.02 11.93 3.69
CA ASN A 195 -5.25 12.46 2.55
C ASN A 195 -5.54 11.73 1.23
N ILE A 196 -6.75 11.21 1.09
CA ILE A 196 -7.17 10.50 -0.12
C ILE A 196 -7.51 11.50 -1.22
N ASN A 197 -6.98 11.25 -2.42
CA ASN A 197 -7.33 12.06 -3.59
C ASN A 197 -8.30 11.36 -4.53
N LYS A 198 -8.06 10.08 -4.77
CA LYS A 198 -8.75 9.35 -5.84
C LYS A 198 -8.63 7.84 -5.59
N ILE A 199 -9.61 7.09 -6.09
CA ILE A 199 -9.62 5.61 -5.96
C ILE A 199 -9.62 4.92 -7.32
N PHE A 200 -8.78 3.89 -7.47
CA PHE A 200 -8.87 2.93 -8.57
C PHE A 200 -9.61 1.71 -8.05
N LEU A 201 -10.83 1.50 -8.54
CA LEU A 201 -11.68 0.40 -8.09
C LEU A 201 -11.53 -0.73 -9.10
N CYS A 202 -10.81 -1.77 -8.70
CA CYS A 202 -10.53 -2.87 -9.62
C CYS A 202 -11.70 -3.82 -9.84
N SER A 203 -11.86 -4.27 -11.08
CA SER A 203 -12.91 -5.22 -11.48
C SER A 203 -12.29 -6.37 -12.27
N SER A 204 -12.81 -7.59 -12.07
CA SER A 204 -12.43 -8.72 -12.93
C SER A 204 -12.82 -8.46 -14.38
N GLY A 205 -13.89 -7.68 -14.58
CA GLY A 205 -14.48 -7.46 -15.89
C GLY A 205 -15.59 -8.46 -16.24
N GLY A 206 -15.66 -9.58 -15.52
CA GLY A 206 -16.67 -10.60 -15.79
C GLY A 206 -16.36 -11.38 -17.07
N PRO A 207 -17.29 -12.24 -17.50
CA PRO A 207 -17.08 -13.09 -18.69
C PRO A 207 -17.24 -12.43 -20.07
N PHE A 208 -17.73 -11.19 -20.14
CA PHE A 208 -18.13 -10.56 -21.42
C PHE A 208 -17.29 -9.39 -21.98
N GLN A 209 -16.07 -9.14 -21.49
CA GLN A 209 -15.26 -7.98 -21.97
C GLN A 209 -14.90 -7.94 -23.45
N ASN A 210 -14.81 -9.12 -24.08
CA ASN A 210 -14.44 -9.21 -25.49
C ASN A 210 -15.65 -9.27 -26.42
N LEU A 211 -16.86 -9.29 -25.85
CA LEU A 211 -18.07 -9.41 -26.65
C LEU A 211 -18.46 -8.10 -27.30
N THR A 212 -18.96 -8.21 -28.52
CA THR A 212 -19.47 -7.05 -29.24
C THR A 212 -20.86 -6.71 -28.70
N MET A 213 -21.34 -5.53 -29.07
CA MET A 213 -22.69 -5.11 -28.70
C MET A 213 -23.73 -6.10 -29.21
N ASP A 214 -23.57 -6.59 -30.45
CA ASP A 214 -24.54 -7.56 -31.00
C ASP A 214 -24.50 -8.88 -30.24
N GLU A 215 -23.31 -9.33 -29.84
CA GLU A 215 -23.19 -10.53 -29.01
C GLU A 215 -23.81 -10.34 -27.63
N LEU A 216 -23.57 -9.17 -27.02
CA LEU A 216 -24.18 -8.86 -25.74
C LEU A 216 -25.69 -8.88 -25.79
N LYS A 217 -26.28 -8.46 -26.91
CA LYS A 217 -27.72 -8.47 -27.06
C LYS A 217 -28.35 -9.82 -26.76
N ASN A 218 -27.62 -10.90 -27.03
CA ASN A 218 -28.14 -12.27 -26.89
C ASN A 218 -27.51 -13.14 -25.80
N VAL A 219 -26.62 -12.62 -24.96
CA VAL A 219 -26.09 -13.45 -23.87
C VAL A 219 -27.20 -13.85 -22.89
N THR A 220 -27.05 -15.02 -22.29
CA THR A 220 -28.04 -15.61 -21.39
C THR A 220 -27.46 -15.79 -20.00
N SER A 221 -28.32 -16.10 -19.04
CA SER A 221 -27.85 -16.34 -17.66
C SER A 221 -26.92 -17.54 -17.61
N GLU A 222 -27.18 -18.56 -18.44
CA GLU A 222 -26.27 -19.72 -18.55
C GLU A 222 -24.85 -19.30 -19.00
N ASN A 223 -24.76 -18.37 -19.96
CA ASN A 223 -23.45 -17.84 -20.39
C ASN A 223 -22.73 -17.17 -19.21
N ALA A 224 -23.46 -16.38 -18.44
CA ALA A 224 -22.91 -15.70 -17.26
C ALA A 224 -22.49 -16.68 -16.15
N LEU A 225 -23.27 -17.74 -15.94
CA LEU A 225 -23.06 -18.69 -14.84
C LEU A 225 -22.14 -19.87 -15.14
N LYS A 226 -22.10 -20.34 -16.39
CA LYS A 226 -21.38 -21.58 -16.73
C LYS A 226 -19.87 -21.37 -16.74
N HIS A 227 -19.16 -22.27 -16.05
CA HIS A 227 -17.71 -22.21 -15.84
C HIS A 227 -17.19 -20.75 -15.74
N PRO A 228 -17.59 -20.05 -14.66
CA PRO A 228 -17.18 -18.65 -14.49
C PRO A 228 -15.74 -18.57 -13.98
N LYS A 229 -15.15 -17.37 -14.01
CA LYS A 229 -13.79 -17.18 -13.48
C LYS A 229 -13.78 -17.50 -11.99
N TRP A 230 -14.56 -16.74 -11.21
CA TRP A 230 -14.68 -16.96 -9.78
C TRP A 230 -16.01 -17.61 -9.44
N LYS A 231 -15.97 -18.63 -8.57
CA LYS A 231 -17.15 -19.36 -8.15
C LYS A 231 -17.77 -18.64 -6.94
N MET A 232 -19.01 -18.18 -7.10
CA MET A 232 -19.72 -17.42 -6.07
C MET A 232 -21.23 -17.53 -6.33
N GLY A 233 -22.05 -16.88 -5.50
CA GLY A 233 -23.52 -16.97 -5.63
C GLY A 233 -24.06 -16.46 -6.95
N LYS A 234 -25.30 -16.83 -7.27
CA LYS A 234 -25.87 -16.51 -8.58
C LYS A 234 -26.12 -15.01 -8.78
N LYS A 235 -26.61 -14.33 -7.75
CA LYS A 235 -26.93 -12.89 -7.84
C LYS A 235 -25.66 -12.07 -8.16
N ILE A 236 -24.60 -12.28 -7.39
CA ILE A 236 -23.35 -11.54 -7.62
C ILE A 236 -22.68 -11.93 -8.94
N THR A 237 -22.82 -13.20 -9.36
CA THR A 237 -22.29 -13.63 -10.66
C THR A 237 -22.96 -12.87 -11.83
N ILE A 238 -24.28 -12.70 -11.76
CA ILE A 238 -25.00 -11.91 -12.75
C ILE A 238 -24.56 -10.43 -12.71
N ASP A 239 -24.47 -9.87 -11.51
CA ASP A 239 -23.96 -8.49 -11.33
C ASP A 239 -22.54 -8.30 -11.87
N SER A 240 -21.68 -9.31 -11.73
CA SER A 240 -20.34 -9.27 -12.30
C SER A 240 -20.37 -9.25 -13.82
N ALA A 241 -21.29 -10.04 -14.40
CA ALA A 241 -21.45 -10.07 -15.86
C ALA A 241 -21.92 -8.74 -16.47
N THR A 242 -22.85 -8.07 -15.80
CA THR A 242 -23.33 -6.76 -16.25
C THR A 242 -22.43 -5.60 -15.79
N MET A 243 -21.49 -5.89 -14.89
CA MET A 243 -20.69 -4.89 -14.17
C MET A 243 -21.52 -4.00 -13.21
N MET A 244 -22.77 -4.34 -12.97
CA MET A 244 -23.52 -3.69 -11.90
C MET A 244 -22.89 -3.99 -10.53
N ASN A 245 -22.15 -5.09 -10.40
CA ASN A 245 -21.43 -5.33 -9.16
C ASN A 245 -20.50 -4.15 -8.88
N LYS A 246 -19.75 -3.74 -9.89
CA LYS A 246 -18.84 -2.62 -9.74
C LYS A 246 -19.60 -1.29 -9.56
N GLY A 247 -20.74 -1.13 -10.22
CA GLY A 247 -21.55 0.07 -10.06
C GLY A 247 -21.99 0.24 -8.61
N LEU A 248 -22.48 -0.84 -8.02
CA LEU A 248 -22.85 -0.84 -6.60
C LEU A 248 -21.64 -0.53 -5.73
N GLU A 249 -20.50 -1.12 -6.08
CA GLU A 249 -19.25 -0.87 -5.34
C GLU A 249 -18.70 0.56 -5.43
N VAL A 250 -19.00 1.27 -6.52
CA VAL A 250 -18.70 2.71 -6.64
C VAL A 250 -19.45 3.49 -5.57
N ILE A 251 -20.75 3.24 -5.45
CA ILE A 251 -21.56 3.89 -4.42
C ILE A 251 -21.09 3.47 -3.01
N GLU A 252 -20.77 2.20 -2.82
CA GLU A 252 -20.20 1.74 -1.54
C GLU A 252 -18.93 2.51 -1.15
N THR A 253 -18.04 2.71 -2.13
CA THR A 253 -16.79 3.46 -1.97
C THR A 253 -17.08 4.91 -1.53
N HIS A 254 -18.01 5.54 -2.22
CA HIS A 254 -18.43 6.90 -1.89
C HIS A 254 -18.85 7.00 -0.42
N PHE A 255 -19.75 6.11 -0.01
CA PHE A 255 -20.28 6.15 1.35
C PHE A 255 -19.26 5.77 2.43
N LEU A 256 -18.53 4.67 2.24
CA LEU A 256 -17.54 4.23 3.24
C LEU A 256 -16.42 5.24 3.46
N PHE A 257 -15.94 5.87 2.38
CA PHE A 257 -14.72 6.64 2.43
C PHE A 257 -14.86 8.14 2.12
N ASP A 258 -16.09 8.61 1.91
CA ASP A 258 -16.39 10.02 1.57
C ASP A 258 -15.54 10.51 0.38
N VAL A 259 -15.54 9.71 -0.69
CA VAL A 259 -14.82 10.01 -1.92
C VAL A 259 -15.84 10.46 -2.95
N ASP A 260 -15.57 11.60 -3.61
CA ASP A 260 -16.47 12.12 -4.65
C ASP A 260 -16.53 11.15 -5.83
N TYR A 261 -17.68 11.08 -6.49
CA TYR A 261 -17.86 10.17 -7.64
C TYR A 261 -16.89 10.46 -8.78
N ASN A 262 -16.57 11.74 -9.02
CA ASN A 262 -15.55 12.12 -10.02
C ASN A 262 -14.13 11.63 -9.70
N ASP A 263 -13.91 11.25 -8.45
CA ASP A 263 -12.63 10.71 -7.99
C ASP A 263 -12.61 9.18 -7.80
N ILE A 264 -13.58 8.48 -8.38
CA ILE A 264 -13.59 7.01 -8.37
C ILE A 264 -13.52 6.55 -9.82
N GLU A 265 -12.49 5.76 -10.13
CA GLU A 265 -12.29 5.22 -11.48
C GLU A 265 -12.38 3.71 -11.42
N VAL A 266 -13.27 3.13 -12.24
CA VAL A 266 -13.34 1.69 -12.38
C VAL A 266 -12.28 1.24 -13.39
N ILE A 267 -11.46 0.26 -13.01
CA ILE A 267 -10.42 -0.28 -13.88
C ILE A 267 -10.56 -1.80 -13.98
N VAL A 268 -10.51 -2.32 -15.21
CA VAL A 268 -10.64 -3.75 -15.44
C VAL A 268 -9.28 -4.41 -15.32
N HIS A 269 -9.15 -5.29 -14.33
CA HIS A 269 -7.90 -5.96 -13.99
C HIS A 269 -8.20 -7.47 -13.91
N LYS A 270 -8.06 -8.13 -15.05
CA LYS A 270 -8.58 -9.50 -15.21
C LYS A 270 -7.91 -10.55 -14.32
N GLU A 271 -6.67 -10.31 -13.92
CA GLU A 271 -5.92 -11.25 -13.10
C GLU A 271 -6.38 -11.32 -11.64
N CYS A 272 -7.09 -10.29 -11.17
CA CYS A 272 -7.62 -10.22 -9.80
C CYS A 272 -6.56 -10.42 -8.71
N ILE A 273 -5.38 -9.89 -8.95
CA ILE A 273 -4.28 -9.86 -7.97
C ILE A 273 -4.26 -8.53 -7.20
N ILE A 274 -4.17 -7.40 -7.90
CA ILE A 274 -4.40 -6.09 -7.28
C ILE A 274 -5.90 -5.90 -7.01
N HIS A 275 -6.26 -5.68 -5.75
CA HIS A 275 -7.69 -5.67 -5.39
C HIS A 275 -8.34 -4.30 -5.37
N SER A 276 -7.51 -3.27 -5.32
CA SER A 276 -7.85 -1.85 -5.61
C SER A 276 -6.66 -0.98 -5.18
N CYS A 277 -6.67 0.30 -5.52
CA CYS A 277 -5.56 1.22 -5.23
C CYS A 277 -6.08 2.59 -4.78
N VAL A 278 -5.28 3.25 -3.97
CA VAL A 278 -5.61 4.56 -3.43
C VAL A 278 -4.52 5.55 -3.86
N GLU A 279 -4.95 6.63 -4.51
CA GLU A 279 -4.08 7.75 -4.84
C GLU A 279 -4.22 8.80 -3.76
N PHE A 280 -3.10 9.18 -3.14
CA PHE A 280 -3.11 10.21 -2.11
C PHE A 280 -2.87 11.60 -2.71
N ILE A 281 -3.03 12.62 -1.89
CA ILE A 281 -2.97 14.02 -2.39
C ILE A 281 -1.63 14.46 -3.00
N ASP A 282 -0.54 13.75 -2.70
CA ASP A 282 0.76 13.99 -3.34
C ASP A 282 0.93 13.25 -4.67
N LYS A 283 -0.06 12.40 -5.02
CA LYS A 283 -0.13 11.51 -6.20
C LYS A 283 0.58 10.17 -6.05
N SER A 284 1.15 9.89 -4.88
CA SER A 284 1.63 8.53 -4.64
C SER A 284 0.44 7.59 -4.58
N VAL A 285 0.61 6.38 -5.14
CA VAL A 285 -0.44 5.38 -5.16
C VAL A 285 -0.02 4.16 -4.31
N ILE A 286 -0.92 3.72 -3.42
CA ILE A 286 -0.75 2.48 -2.64
C ILE A 286 -1.82 1.46 -3.07
N SER A 287 -1.42 0.20 -3.21
CA SER A 287 -2.35 -0.88 -3.58
C SER A 287 -2.17 -2.08 -2.69
N GLN A 288 -3.23 -2.88 -2.59
CA GLN A 288 -3.20 -4.15 -1.87
C GLN A 288 -3.36 -5.29 -2.86
N MET A 289 -2.56 -6.34 -2.64
CA MET A 289 -2.46 -7.47 -3.55
C MET A 289 -2.49 -8.78 -2.80
N TYR A 290 -3.16 -9.77 -3.41
CA TYR A 290 -3.10 -11.17 -2.99
C TYR A 290 -3.83 -12.03 -4.06
N TYR A 291 -3.63 -13.35 -4.03
CA TYR A 291 -4.53 -14.24 -4.78
C TYR A 291 -6.00 -13.93 -4.44
N PRO A 292 -6.90 -14.08 -5.41
CA PRO A 292 -8.32 -13.90 -5.10
C PRO A 292 -8.79 -14.93 -4.05
N ASP A 293 -9.13 -14.44 -2.87
CA ASP A 293 -9.41 -15.29 -1.71
C ASP A 293 -10.04 -14.40 -0.65
N MET A 294 -11.26 -14.71 -0.24
CA MET A 294 -11.96 -13.87 0.74
C MET A 294 -11.41 -13.95 2.17
N GLN A 295 -10.54 -14.92 2.47
CA GLN A 295 -10.02 -15.05 3.83
C GLN A 295 -9.23 -13.82 4.30
N ILE A 296 -8.50 -13.18 3.39
CA ILE A 296 -7.71 -11.98 3.76
C ILE A 296 -8.60 -10.79 4.14
N PRO A 297 -9.57 -10.41 3.28
CA PRO A 297 -10.49 -9.33 3.70
C PRO A 297 -11.25 -9.59 4.99
N ILE A 298 -11.74 -10.83 5.16
CA ILE A 298 -12.44 -11.19 6.39
C ILE A 298 -11.49 -11.09 7.58
N LEU A 299 -10.29 -11.67 7.46
CA LEU A 299 -9.35 -11.67 8.58
C LEU A 299 -8.98 -10.25 9.01
N TYR A 300 -8.69 -9.38 8.05
CA TYR A 300 -8.31 -8.00 8.37
C TYR A 300 -9.44 -7.25 9.08
N SER A 301 -10.69 -7.52 8.70
CA SER A 301 -11.83 -6.89 9.39
C SER A 301 -11.88 -7.28 10.88
N LEU A 302 -11.41 -8.47 11.20
CA LEU A 302 -11.37 -8.96 12.60
C LEU A 302 -10.09 -8.64 13.37
N THR A 303 -8.98 -8.38 12.68
CA THR A 303 -7.70 -8.06 13.33
C THR A 303 -7.40 -6.56 13.38
N TRP A 304 -7.91 -5.79 12.41
CA TRP A 304 -7.72 -4.34 12.36
C TRP A 304 -7.83 -3.69 13.75
N PRO A 305 -6.89 -2.81 14.12
CA PRO A 305 -5.77 -2.24 13.37
C PRO A 305 -4.45 -3.05 13.33
N ASP A 306 -4.49 -4.30 13.79
N ASP A 306 -4.48 -4.29 13.82
CA ASP A 306 -3.33 -5.20 13.80
CA ASP A 306 -3.31 -5.20 13.79
C ASP A 306 -3.44 -6.23 12.67
C ASP A 306 -3.44 -6.21 12.65
N ARG A 307 -2.37 -7.00 12.47
CA ARG A 307 -2.40 -8.18 11.61
C ARG A 307 -1.86 -9.35 12.43
N ILE A 308 -2.27 -10.58 12.08
CA ILE A 308 -1.77 -11.81 12.74
C ILE A 308 -1.22 -12.81 11.71
N LYS A 309 -0.45 -13.77 12.18
CA LYS A 309 0.14 -14.76 11.28
C LYS A 309 -0.90 -15.71 10.68
N THR A 310 -0.75 -16.02 9.39
CA THR A 310 -1.50 -17.09 8.73
C THR A 310 -0.51 -18.03 8.07
N ASN A 311 -1.03 -19.17 7.62
CA ASN A 311 -0.27 -20.12 6.80
C ASN A 311 -0.80 -20.16 5.36
N LEU A 312 -1.36 -19.04 4.89
CA LEU A 312 -1.84 -18.96 3.51
C LEU A 312 -0.68 -19.01 2.51
N LYS A 313 -0.97 -19.49 1.30
CA LYS A 313 0.04 -19.53 0.24
C LYS A 313 0.62 -18.13 -0.05
N PRO A 314 1.96 -17.99 -0.02
CA PRO A 314 2.54 -16.68 -0.37
C PRO A 314 2.35 -16.32 -1.85
N LEU A 315 2.03 -15.06 -2.12
CA LEU A 315 1.92 -14.55 -3.49
C LEU A 315 3.26 -14.69 -4.21
N ASP A 316 3.26 -15.37 -5.34
CA ASP A 316 4.48 -15.56 -6.15
C ASP A 316 4.37 -14.66 -7.38
N LEU A 317 4.87 -13.44 -7.25
CA LEU A 317 4.78 -12.42 -8.30
C LEU A 317 5.44 -12.82 -9.62
N ALA A 318 6.60 -13.47 -9.55
CA ALA A 318 7.26 -13.95 -10.78
C ALA A 318 6.41 -14.97 -11.54
N GLN A 319 5.75 -15.87 -10.80
CA GLN A 319 4.85 -16.86 -11.41
C GLN A 319 3.62 -16.18 -12.01
N VAL A 320 3.06 -15.20 -11.30
CA VAL A 320 1.95 -14.39 -11.83
C VAL A 320 2.36 -13.73 -13.15
N SER A 321 3.54 -13.12 -13.16
CA SER A 321 4.25 -12.67 -14.38
C SER A 321 3.75 -11.35 -14.99
N THR A 322 2.45 -11.25 -15.24
CA THR A 322 1.87 -10.12 -15.95
C THR A 322 0.58 -9.71 -15.25
N LEU A 323 0.42 -8.40 -15.04
CA LEU A 323 -0.80 -7.80 -14.54
C LEU A 323 -1.27 -6.76 -15.58
N THR A 324 -2.57 -6.75 -15.88
CA THR A 324 -3.10 -5.84 -16.92
C THR A 324 -4.23 -4.95 -16.41
N PHE A 325 -4.42 -3.82 -17.11
CA PHE A 325 -5.40 -2.80 -16.74
C PHE A 325 -5.96 -2.14 -17.98
N HIS A 326 -7.29 -2.03 -18.04
CA HIS A 326 -7.92 -1.24 -19.09
C HIS A 326 -9.24 -0.62 -18.65
N LYS A 327 -9.67 0.38 -19.40
CA LYS A 327 -10.92 1.09 -19.11
C LYS A 327 -12.13 0.23 -19.51
N PRO A 328 -13.20 0.23 -18.68
CA PRO A 328 -14.42 -0.46 -19.08
C PRO A 328 -15.19 0.37 -20.11
N SER A 329 -15.86 -0.31 -21.04
CA SER A 329 -16.68 0.38 -22.02
C SER A 329 -18.08 0.58 -21.47
N LEU A 330 -18.47 1.84 -21.24
CA LEU A 330 -19.77 2.16 -20.68
C LEU A 330 -20.91 1.84 -21.65
N GLU A 331 -20.63 1.87 -22.96
CA GLU A 331 -21.61 1.42 -23.96
C GLU A 331 -21.95 -0.07 -23.79
N HIS A 332 -20.93 -0.89 -23.56
CA HIS A 332 -21.09 -2.34 -23.37
C HIS A 332 -21.63 -2.69 -21.99
N PHE A 333 -21.28 -1.88 -20.99
CA PHE A 333 -21.70 -2.11 -19.59
C PHE A 333 -22.43 -0.88 -19.03
N PRO A 334 -23.62 -0.58 -19.59
CA PRO A 334 -24.40 0.60 -19.20
C PRO A 334 -24.81 0.64 -17.72
N CYS A 335 -24.84 -0.51 -17.05
CA CYS A 335 -25.09 -0.52 -15.60
C CYS A 335 -24.09 0.33 -14.81
N ILE A 336 -22.85 0.43 -15.28
CA ILE A 336 -21.85 1.30 -14.63
C ILE A 336 -22.26 2.76 -14.71
N LYS A 337 -22.64 3.19 -15.91
CA LYS A 337 -23.14 4.55 -16.13
C LYS A 337 -24.33 4.86 -15.23
N LEU A 338 -25.29 3.94 -15.16
CA LEU A 338 -26.49 4.13 -14.34
C LEU A 338 -26.16 4.30 -12.85
N ALA A 339 -25.23 3.48 -12.34
CA ALA A 339 -24.77 3.57 -10.95
C ALA A 339 -24.13 4.94 -10.64
N TYR A 340 -23.24 5.42 -11.52
CA TYR A 340 -22.65 6.76 -11.34
C TYR A 340 -23.75 7.84 -11.38
N GLN A 341 -24.65 7.76 -12.35
CA GLN A 341 -25.74 8.75 -12.46
C GLN A 341 -26.60 8.80 -11.21
N ALA A 342 -26.95 7.61 -10.67
CA ALA A 342 -27.72 7.53 -9.43
C ALA A 342 -26.95 8.06 -8.24
N GLY A 343 -25.68 7.71 -8.14
CA GLY A 343 -24.84 8.19 -7.06
C GLY A 343 -24.71 9.71 -7.06
N ILE A 344 -24.39 10.26 -8.23
CA ILE A 344 -24.20 11.71 -8.41
C ILE A 344 -25.51 12.47 -8.15
N LYS A 345 -26.64 11.94 -8.63
CA LYS A 345 -27.93 12.59 -8.34
C LYS A 345 -28.24 12.58 -6.84
N GLY A 346 -27.79 11.52 -6.15
CA GLY A 346 -27.84 11.47 -4.71
C GLY A 346 -29.24 11.17 -4.21
N ASN A 347 -29.61 11.77 -3.07
CA ASN A 347 -30.92 11.53 -2.49
C ASN A 347 -31.11 10.01 -2.34
N PHE A 348 -32.28 9.45 -2.70
CA PHE A 348 -32.51 8.03 -2.58
C PHE A 348 -32.41 7.30 -3.91
N TYR A 349 -31.79 7.94 -4.91
CA TYR A 349 -31.56 7.28 -6.19
C TYR A 349 -30.73 5.98 -6.03
N PRO A 350 -29.71 5.96 -5.14
CA PRO A 350 -29.04 4.68 -4.91
C PRO A 350 -29.95 3.56 -4.35
N THR A 351 -30.88 3.90 -3.46
CA THR A 351 -31.90 2.95 -3.01
C THR A 351 -32.70 2.39 -4.20
N VAL A 352 -33.10 3.29 -5.09
CA VAL A 352 -33.88 2.90 -6.26
C VAL A 352 -33.06 2.03 -7.21
N LEU A 353 -31.81 2.43 -7.47
CA LEU A 353 -30.89 1.63 -8.30
C LEU A 353 -30.78 0.20 -7.80
N ASN A 354 -30.55 0.05 -6.50
CA ASN A 354 -30.33 -1.27 -5.91
C ASN A 354 -31.58 -2.16 -5.99
N ALA A 355 -32.73 -1.57 -5.66
CA ALA A 355 -33.99 -2.28 -5.66
C ALA A 355 -34.41 -2.71 -7.06
N SER A 356 -34.33 -1.81 -8.03
CA SER A 356 -34.66 -2.14 -9.42
C SER A 356 -33.71 -3.21 -9.98
N ASN A 357 -32.42 -3.12 -9.62
CA ASN A 357 -31.47 -4.13 -10.04
C ASN A 357 -31.79 -5.50 -9.43
N GLU A 358 -32.22 -5.54 -8.17
CA GLU A 358 -32.65 -6.79 -7.55
C GLU A 358 -33.66 -7.54 -8.42
N ILE A 359 -34.66 -6.82 -8.91
CA ILE A 359 -35.69 -7.39 -9.78
C ILE A 359 -35.13 -7.75 -11.17
N ALA A 360 -34.48 -6.79 -11.83
CA ALA A 360 -33.93 -7.02 -13.17
C ALA A 360 -32.92 -8.18 -13.22
N ASN A 361 -32.01 -8.22 -12.25
CA ASN A 361 -31.05 -9.33 -12.09
C ASN A 361 -31.78 -10.68 -12.06
N ASN A 362 -32.79 -10.78 -11.20
CA ASN A 362 -33.51 -12.04 -11.02
C ASN A 362 -34.35 -12.43 -12.27
N LEU A 363 -34.91 -11.44 -12.95
CA LEU A 363 -35.59 -11.66 -14.25
C LEU A 363 -34.65 -12.25 -15.30
N PHE A 364 -33.48 -11.65 -15.43
CA PHE A 364 -32.44 -12.16 -16.33
C PHE A 364 -31.97 -13.56 -15.93
N LEU A 365 -31.70 -13.75 -14.64
CA LEU A 365 -31.33 -15.07 -14.12
C LEU A 365 -32.32 -16.17 -14.55
N ASN A 366 -33.61 -15.84 -14.52
CA ASN A 366 -34.67 -16.79 -14.87
C ASN A 366 -35.09 -16.73 -16.36
N ASN A 367 -34.25 -16.15 -17.23
CA ASN A 367 -34.48 -16.13 -18.68
C ASN A 367 -35.77 -15.41 -19.10
N LYS A 368 -36.19 -14.43 -18.32
CA LYS A 368 -37.41 -13.65 -18.59
C LYS A 368 -37.14 -12.40 -19.43
N ILE A 369 -35.92 -11.88 -19.37
CA ILE A 369 -35.52 -10.67 -20.10
C ILE A 369 -34.11 -10.85 -20.65
N LYS A 370 -33.71 -9.92 -21.51
CA LYS A 370 -32.39 -9.94 -22.16
C LYS A 370 -31.39 -9.00 -21.46
N TYR A 371 -30.13 -9.11 -21.85
CA TYR A 371 -29.02 -8.36 -21.22
C TYR A 371 -29.27 -6.86 -21.10
N PHE A 372 -29.59 -6.20 -22.22
CA PHE A 372 -29.81 -4.76 -22.22
C PHE A 372 -31.18 -4.35 -21.65
N ASP A 373 -32.09 -5.30 -21.48
CA ASP A 373 -33.33 -5.06 -20.73
C ASP A 373 -33.05 -4.78 -19.24
N ILE A 374 -31.97 -5.35 -18.70
CA ILE A 374 -31.62 -5.13 -17.30
C ILE A 374 -31.39 -3.63 -17.05
N SER A 375 -30.50 -3.06 -17.84
CA SER A 375 -30.22 -1.62 -17.80
C SER A 375 -31.41 -0.77 -18.25
N SER A 376 -32.19 -1.25 -19.21
CA SER A 376 -33.39 -0.53 -19.62
C SER A 376 -34.41 -0.41 -18.47
N ILE A 377 -34.67 -1.50 -17.77
CA ILE A 377 -35.62 -1.49 -16.64
C ILE A 377 -35.11 -0.58 -15.54
N ILE A 378 -33.84 -0.72 -15.17
CA ILE A 378 -33.26 0.10 -14.09
C ILE A 378 -33.37 1.59 -14.44
N SER A 379 -32.98 1.93 -15.67
CA SER A 379 -33.06 3.32 -16.15
C SER A 379 -34.47 3.88 -16.03
N GLN A 380 -35.45 3.10 -16.48
CA GLN A 380 -36.85 3.56 -16.46
C GLN A 380 -37.35 3.80 -15.03
N VAL A 381 -37.00 2.92 -14.11
CA VAL A 381 -37.41 3.08 -12.71
C VAL A 381 -36.74 4.32 -12.13
N LEU A 382 -35.44 4.51 -12.41
CA LEU A 382 -34.73 5.74 -12.01
C LEU A 382 -35.40 7.00 -12.55
N GLU A 383 -35.81 6.97 -13.82
CA GLU A 383 -36.52 8.09 -14.44
C GLU A 383 -37.89 8.36 -13.80
N SER A 384 -38.48 7.32 -13.21
CA SER A 384 -39.82 7.39 -12.60
C SER A 384 -39.84 7.84 -11.13
N PHE A 385 -38.67 8.06 -10.53
CA PHE A 385 -38.58 8.42 -9.11
C PHE A 385 -38.44 9.92 -8.96
N ASN A 386 -39.05 10.50 -7.93
CA ASN A 386 -38.91 11.92 -7.60
C ASN A 386 -38.15 12.02 -6.28
N SER A 387 -37.18 12.93 -6.22
CA SER A 387 -36.43 13.17 -4.95
C SER A 387 -37.37 13.47 -3.79
N GLN A 388 -37.02 12.99 -2.60
CA GLN A 388 -37.79 13.24 -1.40
C GLN A 388 -36.94 13.96 -0.36
N LYS A 389 -37.59 14.78 0.47
CA LYS A 389 -36.91 15.42 1.58
C LYS A 389 -36.42 14.30 2.50
N VAL A 390 -35.15 14.34 2.88
CA VAL A 390 -34.56 13.27 3.68
C VAL A 390 -34.94 13.48 5.14
N SER A 391 -35.60 12.48 5.73
CA SER A 391 -36.05 12.58 7.13
C SER A 391 -34.89 12.81 8.10
N GLU A 392 -35.10 13.71 9.04
CA GLU A 392 -34.12 13.98 10.11
C GLU A 392 -34.16 12.91 11.21
N ASN A 393 -35.34 12.37 11.49
CA ASN A 393 -35.54 11.35 12.51
C ASN A 393 -35.07 9.99 11.98
N SER A 394 -34.27 9.26 12.77
CA SER A 394 -33.67 8.00 12.30
C SER A 394 -34.69 6.89 12.05
N GLU A 395 -35.78 6.86 12.83
CA GLU A 395 -36.84 5.88 12.62
C GLU A 395 -37.63 6.19 11.34
N ASP A 396 -37.95 7.48 11.14
CA ASP A 396 -38.60 7.93 9.90
C ASP A 396 -37.72 7.66 8.68
N LEU A 397 -36.41 7.82 8.84
CA LEU A 397 -35.46 7.61 7.74
C LEU A 397 -35.42 6.16 7.28
N MET A 398 -35.34 5.24 8.24
N MET A 398 -35.34 5.22 8.23
CA MET A 398 -35.39 3.81 7.95
CA MET A 398 -35.38 3.79 7.92
C MET A 398 -36.69 3.41 7.22
C MET A 398 -36.68 3.39 7.23
N LYS A 399 -37.81 3.92 7.69
CA LYS A 399 -39.11 3.65 7.03
C LYS A 399 -39.18 4.24 5.60
N GLN A 400 -38.60 5.42 5.44
CA GLN A 400 -38.51 6.07 4.13
C GLN A 400 -37.69 5.20 3.15
N ILE A 401 -36.51 4.75 3.58
CA ILE A 401 -35.69 3.85 2.75
C ILE A 401 -36.46 2.56 2.37
N LEU A 402 -37.10 1.93 3.34
CA LEU A 402 -37.82 0.68 3.11
C LEU A 402 -39.01 0.87 2.16
N GLN A 403 -39.70 1.99 2.28
CA GLN A 403 -40.84 2.26 1.42
C GLN A 403 -40.39 2.51 -0.03
N ILE A 404 -39.28 3.23 -0.20
CA ILE A 404 -38.71 3.50 -1.53
C ILE A 404 -38.19 2.20 -2.18
N HIS A 405 -37.51 1.38 -1.39
CA HIS A 405 -37.09 0.03 -1.82
C HIS A 405 -38.26 -0.79 -2.37
N SER A 406 -39.35 -0.85 -1.61
N SER A 406 -39.35 -0.85 -1.61
CA SER A 406 -40.54 -1.59 -2.02
CA SER A 406 -40.55 -1.57 -2.01
C SER A 406 -41.20 -1.00 -3.27
C SER A 406 -41.17 -0.99 -3.28
N TRP A 407 -41.30 0.32 -3.33
CA TRP A 407 -41.84 1.01 -4.51
C TRP A 407 -41.03 0.69 -5.78
N ALA A 408 -39.71 0.68 -5.65
CA ALA A 408 -38.82 0.50 -6.82
C ALA A 408 -38.86 -0.93 -7.35
N LYS A 409 -38.93 -1.92 -6.44
CA LYS A 409 -39.12 -3.30 -6.86
C LYS A 409 -40.45 -3.46 -7.60
N ASP A 410 -41.52 -2.92 -7.01
CA ASP A 410 -42.84 -2.96 -7.64
C ASP A 410 -42.86 -2.29 -9.02
N LYS A 411 -42.23 -1.11 -9.13
CA LYS A 411 -42.16 -0.38 -10.41
C LYS A 411 -41.41 -1.19 -11.46
N ALA A 412 -40.28 -1.80 -11.08
CA ALA A 412 -39.53 -2.68 -11.99
C ALA A 412 -40.40 -3.85 -12.48
N THR A 413 -41.11 -4.48 -11.55
CA THR A 413 -41.97 -5.61 -11.86
C THR A 413 -43.15 -5.20 -12.78
N ASP A 414 -43.73 -4.03 -12.53
CA ASP A 414 -44.81 -3.50 -13.38
C ASP A 414 -44.32 -3.22 -14.81
N ILE A 415 -43.14 -2.63 -14.94
CA ILE A 415 -42.53 -2.37 -16.24
C ILE A 415 -42.34 -3.68 -17.01
N TYR A 416 -41.78 -4.70 -16.35
CA TYR A 416 -41.65 -6.02 -16.95
C TYR A 416 -43.01 -6.59 -17.41
N ASN A 417 -43.98 -6.58 -16.50
CA ASN A 417 -45.33 -7.12 -16.78
C ASN A 417 -46.04 -6.44 -17.97
N LYS A 418 -45.96 -5.11 -18.03
CA LYS A 418 -46.55 -4.35 -19.14
C LYS A 418 -45.93 -4.71 -20.48
N HIS A 419 -44.59 -4.78 -20.51
CA HIS A 419 -43.85 -5.12 -21.72
C HIS A 419 -44.06 -6.58 -22.11
N ASN A 420 -44.25 -7.43 -21.10
CA ASN A 420 -44.54 -8.84 -21.29
C ASN A 420 -46.04 -9.01 -21.56
N PRO B 11 5.64 25.22 9.89
CA PRO B 11 6.50 25.16 8.70
C PRO B 11 7.69 24.21 8.88
N ILE B 12 8.05 23.47 7.84
CA ILE B 12 9.12 22.49 7.92
C ILE B 12 10.42 23.13 7.46
N ASN B 13 11.39 23.23 8.39
CA ASN B 13 12.70 23.82 8.13
C ASN B 13 13.70 22.77 7.62
N VAL B 14 14.15 22.94 6.36
N VAL B 14 14.16 22.93 6.37
CA VAL B 14 14.96 21.95 5.65
CA VAL B 14 14.97 21.92 5.70
C VAL B 14 16.34 22.47 5.25
C VAL B 14 16.32 22.44 5.22
N ALA B 15 17.34 21.59 5.36
CA ALA B 15 18.66 21.80 4.79
C ALA B 15 18.87 20.78 3.66
N ILE B 16 19.49 21.22 2.57
CA ILE B 16 19.80 20.36 1.42
C ILE B 16 21.32 20.29 1.26
N PHE B 17 21.87 19.10 1.45
CA PHE B 17 23.30 18.84 1.28
C PHE B 17 23.51 18.19 -0.08
N GLY B 18 24.24 18.89 -0.96
CA GLY B 18 24.42 18.49 -2.35
C GLY B 18 23.29 19.05 -3.21
N SER B 19 22.98 20.33 -3.04
CA SER B 19 21.78 20.93 -3.62
C SER B 19 21.79 21.09 -5.15
N THR B 20 22.97 20.97 -5.79
CA THR B 20 23.07 21.04 -7.26
C THR B 20 23.20 19.69 -7.93
N GLY B 21 23.23 18.61 -7.15
CA GLY B 21 23.20 17.26 -7.71
C GLY B 21 21.77 16.87 -8.04
N SER B 22 21.60 15.61 -8.47
CA SER B 22 20.30 15.10 -8.90
C SER B 22 19.24 15.12 -7.79
N ILE B 23 19.58 14.51 -6.65
CA ILE B 23 18.67 14.52 -5.49
C ILE B 23 18.35 15.95 -5.03
N GLY B 24 19.37 16.78 -4.91
CA GLY B 24 19.23 18.17 -4.49
C GLY B 24 18.31 18.99 -5.38
N THR B 25 18.49 18.87 -6.70
N THR B 25 18.52 18.86 -6.70
CA THR B 25 17.64 19.63 -7.63
CA THR B 25 17.69 19.56 -7.70
C THR B 25 16.21 19.13 -7.68
C THR B 25 16.24 19.14 -7.64
N ASN B 26 16.02 17.81 -7.63
CA ASN B 26 14.67 17.24 -7.47
C ASN B 26 14.01 17.69 -6.18
N ALA B 27 14.79 17.77 -5.11
CA ALA B 27 14.27 18.20 -3.81
C ALA B 27 13.78 19.65 -3.91
N LEU B 28 14.60 20.52 -4.49
CA LEU B 28 14.22 21.94 -4.63
C LEU B 28 13.04 22.16 -5.58
N ASN B 29 12.96 21.36 -6.64
CA ASN B 29 11.82 21.42 -7.57
C ASN B 29 10.50 21.07 -6.89
N ILE B 30 10.47 19.98 -6.12
CA ILE B 30 9.23 19.57 -5.45
C ILE B 30 8.89 20.51 -4.29
N ILE B 31 9.89 21.03 -3.60
CA ILE B 31 9.67 22.06 -2.58
C ILE B 31 9.03 23.31 -3.20
N ARG B 32 9.62 23.79 -4.30
CA ARG B 32 9.09 24.96 -4.99
C ARG B 32 7.62 24.73 -5.37
N GLU B 33 7.34 23.61 -6.02
CA GLU B 33 5.98 23.35 -6.49
C GLU B 33 4.97 23.19 -5.35
N CYS B 34 5.35 22.49 -4.29
CA CYS B 34 4.47 22.33 -3.14
C CYS B 34 4.22 23.67 -2.43
N ASN B 35 5.25 24.51 -2.31
CA ASN B 35 5.10 25.84 -1.69
C ASN B 35 4.16 26.77 -2.46
N LYS B 36 4.09 26.63 -3.78
CA LYS B 36 3.12 27.37 -4.60
C LYS B 36 1.67 27.06 -4.24
N ILE B 37 1.43 25.83 -3.77
CA ILE B 37 0.09 25.38 -3.37
C ILE B 37 -0.21 25.85 -1.95
N GLU B 38 0.75 25.65 -1.05
CA GLU B 38 0.63 26.10 0.34
C GLU B 38 2.03 26.26 0.92
N ASN B 39 2.26 27.31 1.71
CA ASN B 39 3.60 27.53 2.26
C ASN B 39 3.86 26.51 3.37
N VAL B 40 4.57 25.43 3.03
N VAL B 40 4.58 25.45 3.00
CA VAL B 40 4.90 24.39 4.01
CA VAL B 40 4.90 24.33 3.87
C VAL B 40 6.40 24.27 4.32
C VAL B 40 6.37 24.36 4.31
N PHE B 41 7.28 24.61 3.37
CA PHE B 41 8.72 24.47 3.56
C PHE B 41 9.48 25.80 3.64
N ASN B 42 10.43 25.86 4.56
CA ASN B 42 11.42 26.93 4.61
CA ASN B 42 11.42 26.92 4.60
C ASN B 42 12.77 26.27 4.32
N VAL B 43 13.39 26.64 3.21
CA VAL B 43 14.70 26.13 2.84
C VAL B 43 15.70 26.98 3.63
N LYS B 44 16.24 26.39 4.70
CA LYS B 44 17.08 27.09 5.66
C LYS B 44 18.57 27.04 5.33
N ALA B 45 18.99 26.04 4.56
CA ALA B 45 20.41 25.85 4.26
C ALA B 45 20.62 25.12 2.95
N LEU B 46 21.60 25.59 2.18
CA LEU B 46 22.05 24.92 0.96
C LEU B 46 23.56 24.72 1.02
N TYR B 47 23.99 23.50 0.69
CA TYR B 47 25.40 23.09 0.73
C TYR B 47 25.77 22.40 -0.59
N VAL B 48 26.88 22.82 -1.18
CA VAL B 48 27.39 22.23 -2.43
C VAL B 48 28.89 22.00 -2.33
N ASN B 49 29.41 21.11 -3.16
CA ASN B 49 30.86 20.86 -3.23
C ASN B 49 31.58 22.04 -3.91
N LYS B 50 31.47 22.17 -5.23
CA LYS B 50 32.21 23.19 -6.01
C LYS B 50 31.36 24.24 -6.75
N SER B 51 30.10 23.92 -7.04
CA SER B 51 29.31 24.67 -8.03
C SER B 51 28.83 26.03 -7.52
N VAL B 52 29.75 27.00 -7.53
CA VAL B 52 29.50 28.33 -6.93
C VAL B 52 28.39 29.15 -7.58
N ASN B 53 28.32 29.14 -8.91
CA ASN B 53 27.32 29.93 -9.62
C ASN B 53 25.91 29.33 -9.51
N GLU B 54 25.82 28.00 -9.58
CA GLU B 54 24.54 27.30 -9.39
C GLU B 54 23.99 27.55 -7.97
N LEU B 55 24.88 27.63 -6.98
CA LEU B 55 24.49 27.96 -5.61
C LEU B 55 23.95 29.39 -5.52
N TYR B 56 24.60 30.34 -6.19
CA TYR B 56 24.14 31.76 -6.19
C TYR B 56 22.70 31.89 -6.71
N GLU B 57 22.41 31.21 -7.82
CA GLU B 57 21.08 31.26 -8.44
C GLU B 57 20.01 30.64 -7.53
N GLN B 58 20.36 29.51 -6.90
CA GLN B 58 19.51 28.89 -5.87
C GLN B 58 19.27 29.85 -4.69
N ALA B 59 20.35 30.49 -4.23
CA ALA B 59 20.27 31.47 -3.13
C ALA B 59 19.34 32.64 -3.44
N ARG B 60 19.39 33.14 -4.67
CA ARG B 60 18.53 34.24 -5.11
C ARG B 60 17.05 33.88 -5.04
N GLU B 61 16.71 32.63 -5.36
CA GLU B 61 15.33 32.16 -5.30
C GLU B 61 14.90 31.80 -3.88
N PHE B 62 15.66 30.92 -3.23
CA PHE B 62 15.22 30.32 -1.95
C PHE B 62 15.62 31.12 -0.71
N LEU B 63 16.61 32.01 -0.83
CA LEU B 63 17.04 32.91 0.25
C LEU B 63 17.28 32.19 1.59
N PRO B 64 18.09 31.12 1.58
CA PRO B 64 18.35 30.40 2.83
C PRO B 64 19.17 31.21 3.84
N GLU B 65 18.91 30.97 5.13
CA GLU B 65 19.69 31.60 6.21
C GLU B 65 21.15 31.20 6.16
N TYR B 66 21.42 29.96 5.70
CA TYR B 66 22.77 29.42 5.57
C TYR B 66 23.13 29.07 4.13
N LEU B 67 24.36 29.43 3.74
CA LEU B 67 25.00 28.93 2.52
C LEU B 67 26.33 28.32 2.92
N CYS B 68 26.69 27.21 2.29
CA CYS B 68 27.97 26.55 2.54
C CYS B 68 28.52 25.91 1.27
N ILE B 69 29.83 25.98 1.11
CA ILE B 69 30.51 25.40 -0.05
C ILE B 69 31.76 24.65 0.45
N HIS B 70 31.95 23.40 0.02
CA HIS B 70 33.06 22.59 0.54
C HIS B 70 34.44 23.11 0.11
N ASP B 71 34.51 23.64 -1.12
CA ASP B 71 35.76 24.10 -1.74
C ASP B 71 36.07 25.55 -1.36
N LYS B 72 37.09 25.76 -0.52
CA LYS B 72 37.44 27.11 -0.01
C LYS B 72 37.95 28.09 -1.07
N SER B 73 38.46 27.59 -2.20
CA SER B 73 38.92 28.47 -3.29
C SER B 73 37.81 29.37 -3.88
N VAL B 74 36.57 28.91 -3.87
CA VAL B 74 35.41 29.69 -4.36
C VAL B 74 34.54 30.30 -3.26
N TYR B 75 35.04 30.28 -2.01
CA TYR B 75 34.33 30.82 -0.86
C TYR B 75 34.20 32.33 -0.94
N GLU B 76 35.29 33.01 -1.31
CA GLU B 76 35.30 34.47 -1.39
C GLU B 76 34.45 34.99 -2.56
N GLU B 77 34.45 34.26 -3.67
CA GLU B 77 33.60 34.58 -4.83
C GLU B 77 32.10 34.54 -4.45
N LEU B 78 31.71 33.50 -3.71
CA LEU B 78 30.33 33.33 -3.23
C LEU B 78 29.87 34.51 -2.38
N LYS B 79 30.74 35.01 -1.50
CA LYS B 79 30.45 36.19 -0.67
C LYS B 79 30.07 37.41 -1.50
N GLU B 80 30.82 37.64 -2.59
CA GLU B 80 30.67 38.84 -3.42
C GLU B 80 29.39 38.81 -4.26
N LEU B 81 29.10 37.66 -4.85
CA LEU B 81 27.87 37.45 -5.63
C LEU B 81 26.60 37.71 -4.82
N VAL B 82 26.60 37.27 -3.56
CA VAL B 82 25.44 37.40 -2.67
C VAL B 82 25.08 38.86 -2.33
N LYS B 83 26.04 39.79 -2.44
CA LYS B 83 25.76 41.23 -2.28
C LYS B 83 24.74 41.76 -3.30
N ASN B 84 24.62 41.08 -4.45
CA ASN B 84 23.61 41.41 -5.47
C ASN B 84 22.15 41.16 -5.05
N ILE B 85 21.92 40.29 -4.06
CA ILE B 85 20.57 39.91 -3.69
C ILE B 85 20.01 40.94 -2.73
N LYS B 86 18.86 41.52 -3.07
CA LYS B 86 18.23 42.58 -2.27
C LYS B 86 17.74 42.04 -0.92
N ASP B 87 18.04 42.77 0.16
CA ASP B 87 17.54 42.47 1.51
C ASP B 87 17.84 41.01 1.92
N TYR B 88 19.13 40.68 1.99
CA TYR B 88 19.57 39.30 2.23
C TYR B 88 20.94 39.26 2.91
N LYS B 89 20.96 38.85 4.19
CA LYS B 89 22.18 38.77 5.01
C LYS B 89 22.42 37.32 5.52
N PRO B 90 22.78 36.38 4.62
CA PRO B 90 22.96 34.99 5.03
C PRO B 90 24.26 34.73 5.76
N ILE B 91 24.27 33.63 6.51
CA ILE B 91 25.49 33.10 7.10
C ILE B 91 26.15 32.27 6.01
N ILE B 92 27.37 32.65 5.63
CA ILE B 92 28.07 32.03 4.51
C ILE B 92 29.30 31.29 5.06
N LEU B 93 29.38 29.99 4.77
CA LEU B 93 30.34 29.08 5.43
C LEU B 93 31.07 28.23 4.40
N CYS B 94 32.04 27.44 4.86
CA CYS B 94 32.71 26.47 4.00
C CYS B 94 33.31 25.28 4.75
N GLY B 95 33.66 24.25 3.98
CA GLY B 95 34.29 23.03 4.50
C GLY B 95 33.42 22.14 5.37
N ASP B 96 34.05 21.13 5.95
CA ASP B 96 33.39 20.27 6.93
C ASP B 96 32.87 21.03 8.15
N GLU B 97 33.56 22.10 8.55
CA GLU B 97 33.11 22.90 9.71
C GLU B 97 31.81 23.66 9.41
N GLY B 98 31.66 24.16 8.17
CA GLY B 98 30.43 24.82 7.76
C GLY B 98 29.25 23.84 7.79
N MET B 99 29.51 22.63 7.31
CA MET B 99 28.54 21.57 7.36
C MET B 99 28.13 21.19 8.81
N LYS B 100 29.13 21.09 9.71
CA LYS B 100 28.87 20.84 11.14
C LYS B 100 28.02 21.93 11.76
N GLU B 101 28.28 23.18 11.38
CA GLU B 101 27.52 24.31 11.91
C GLU B 101 26.05 24.29 11.44
N ILE B 102 25.82 23.91 10.19
CA ILE B 102 24.45 23.77 9.68
C ILE B 102 23.69 22.68 10.46
N CYS B 103 24.31 21.51 10.62
CA CYS B 103 23.68 20.38 11.32
C CYS B 103 23.31 20.70 12.77
N SER B 104 24.08 21.58 13.40
CA SER B 104 23.86 21.93 14.80
C SER B 104 22.89 23.09 15.02
N SER B 105 22.40 23.73 13.95
CA SER B 105 21.45 24.83 14.11
C SER B 105 20.10 24.37 14.65
N ASN B 106 19.61 25.07 15.66
CA ASN B 106 18.27 24.82 16.20
C ASN B 106 17.12 25.24 15.26
N SER B 107 17.44 25.97 14.20
CA SER B 107 16.45 26.39 13.22
C SER B 107 16.25 25.37 12.08
N ILE B 108 16.92 24.21 12.16
CA ILE B 108 16.81 23.18 11.11
C ILE B 108 16.24 21.89 11.71
N ASP B 109 15.19 21.38 11.06
CA ASP B 109 14.48 20.19 11.51
C ASP B 109 14.88 18.93 10.72
N LYS B 110 15.01 19.09 9.39
CA LYS B 110 15.18 17.95 8.49
C LYS B 110 16.33 18.24 7.53
N ILE B 111 17.17 17.24 7.30
CA ILE B 111 18.33 17.37 6.43
C ILE B 111 18.30 16.31 5.33
N VAL B 112 18.28 16.77 4.08
CA VAL B 112 18.39 15.88 2.92
C VAL B 112 19.87 15.64 2.60
N ILE B 113 20.29 14.38 2.61
CA ILE B 113 21.68 14.01 2.29
C ILE B 113 21.69 13.51 0.85
N GLY B 114 22.10 14.40 -0.05
CA GLY B 114 22.21 14.09 -1.47
C GLY B 114 23.66 14.14 -1.96
N ILE B 115 24.60 13.82 -1.07
CA ILE B 115 26.03 13.69 -1.37
C ILE B 115 26.44 12.24 -1.15
N ASP B 116 27.44 11.78 -1.89
CA ASP B 116 27.96 10.38 -1.77
C ASP B 116 29.32 10.31 -1.04
N SER B 117 29.83 9.09 -0.89
CA SER B 117 31.19 8.82 -0.39
C SER B 117 31.42 9.35 1.03
N PHE B 118 32.56 9.98 1.31
CA PHE B 118 32.87 10.43 2.68
C PHE B 118 31.99 11.59 3.13
N GLN B 119 31.81 12.61 2.27
CA GLN B 119 30.97 13.77 2.63
C GLN B 119 29.54 13.37 2.98
N GLY B 120 29.03 12.32 2.33
CA GLY B 120 27.70 11.78 2.64
C GLY B 120 27.64 11.10 4.00
N LEU B 121 28.61 10.24 4.28
CA LEU B 121 28.70 9.59 5.59
C LEU B 121 28.94 10.62 6.70
N TYR B 122 29.87 11.55 6.45
CA TYR B 122 30.27 12.55 7.43
C TYR B 122 29.11 13.49 7.78
N SER B 123 28.41 13.99 6.77
CA SER B 123 27.22 14.81 7.02
C SER B 123 26.07 14.07 7.71
N THR B 124 25.85 12.82 7.32
CA THR B 124 24.84 11.94 7.95
C THR B 124 25.16 11.80 9.45
N MET B 125 26.42 11.46 9.75
CA MET B 125 26.86 11.34 11.14
C MET B 125 26.56 12.61 11.95
N TYR B 126 26.96 13.77 11.44
CA TYR B 126 26.70 15.03 12.17
C TYR B 126 25.20 15.35 12.29
N ALA B 127 24.41 15.04 11.27
CA ALA B 127 22.95 15.19 11.35
C ALA B 127 22.36 14.35 12.50
N ILE B 128 22.78 13.09 12.58
CA ILE B 128 22.30 12.18 13.64
C ILE B 128 22.77 12.66 15.01
N MET B 129 24.03 13.07 15.12
CA MET B 129 24.55 13.57 16.41
C MET B 129 23.77 14.79 16.92
N ASN B 130 23.20 15.58 16.01
CA ASN B 130 22.36 16.73 16.39
C ASN B 130 20.86 16.42 16.42
N ASN B 131 20.50 15.14 16.43
CA ASN B 131 19.15 14.68 16.73
C ASN B 131 18.13 15.12 15.67
N LYS B 132 18.57 15.16 14.41
CA LYS B 132 17.74 15.63 13.31
C LYS B 132 17.03 14.47 12.61
N ILE B 133 16.02 14.80 11.82
CA ILE B 133 15.48 13.85 10.86
C ILE B 133 16.37 13.91 9.63
N VAL B 134 16.85 12.76 9.17
CA VAL B 134 17.85 12.69 8.11
C VAL B 134 17.23 11.93 6.94
N ALA B 135 16.98 12.65 5.84
CA ALA B 135 16.41 12.06 4.63
C ALA B 135 17.59 11.61 3.78
N LEU B 136 17.86 10.30 3.85
CA LEU B 136 19.11 9.74 3.36
C LEU B 136 18.95 9.08 1.99
N ALA B 137 19.60 9.67 0.99
CA ALA B 137 19.65 9.11 -0.36
C ALA B 137 20.98 8.42 -0.69
N ASN B 138 21.97 8.46 0.21
CA ASN B 138 23.27 7.83 -0.06
C ASN B 138 23.28 6.41 0.49
N LYS B 139 22.92 5.45 -0.36
CA LYS B 139 22.82 4.03 0.05
C LYS B 139 24.15 3.41 0.46
N GLU B 140 25.24 3.88 -0.15
CA GLU B 140 26.58 3.33 0.15
C GLU B 140 26.95 3.51 1.63
N SER B 141 26.50 4.62 2.24
CA SER B 141 26.68 4.86 3.68
C SER B 141 26.06 3.79 4.59
N ILE B 142 24.85 3.35 4.24
CA ILE B 142 24.15 2.31 4.99
C ILE B 142 24.83 0.94 4.76
N VAL B 143 25.26 0.68 3.53
CA VAL B 143 25.88 -0.60 3.20
C VAL B 143 27.24 -0.71 3.88
N SER B 144 28.05 0.33 3.76
CA SER B 144 29.39 0.31 4.31
C SER B 144 29.43 0.54 5.83
N ALA B 145 28.54 1.37 6.34
CA ALA B 145 28.65 1.83 7.74
C ALA B 145 27.41 1.58 8.59
N GLY B 146 26.61 0.57 8.19
CA GLY B 146 25.36 0.24 8.89
C GLY B 146 25.51 0.01 10.39
N PHE B 147 26.54 -0.73 10.80
CA PHE B 147 26.81 -0.93 12.25
C PHE B 147 27.01 0.38 13.00
N PHE B 148 27.74 1.30 12.37
CA PHE B 148 28.04 2.61 12.97
C PHE B 148 26.79 3.47 13.04
N LEU B 149 26.00 3.48 11.97
CA LEU B 149 24.74 4.23 11.96
C LEU B 149 23.75 3.70 13.01
N LYS B 150 23.66 2.37 13.13
CA LYS B 150 22.83 1.74 14.18
C LYS B 150 23.24 2.18 15.58
N LYS B 151 24.55 2.09 15.85
CA LYS B 151 25.11 2.51 17.15
C LYS B 151 24.78 3.97 17.44
N LEU B 152 24.99 4.82 16.44
CA LEU B 152 24.75 6.25 16.58
C LEU B 152 23.27 6.59 16.84
N LEU B 153 22.38 5.89 16.14
CA LEU B 153 20.92 6.05 16.33
C LEU B 153 20.43 5.53 17.68
N ASN B 154 21.13 4.57 18.24
CA ASN B 154 20.83 4.08 19.58
C ASN B 154 21.26 5.11 20.64
N ILE B 155 22.35 5.83 20.41
CA ILE B 155 22.78 6.90 21.31
C ILE B 155 21.87 8.12 21.18
N HIS B 156 21.61 8.55 19.95
CA HIS B 156 20.82 9.76 19.67
C HIS B 156 19.37 9.38 19.40
N LYS B 157 18.61 9.30 20.50
CA LYS B 157 17.30 8.66 20.51
C LYS B 157 16.27 9.35 19.63
N ASN B 158 16.38 10.68 19.49
CA ASN B 158 15.43 11.46 18.69
C ASN B 158 15.82 11.62 17.24
N ALA B 159 17.03 11.20 16.86
CA ALA B 159 17.43 11.23 15.45
C ALA B 159 16.71 10.11 14.72
N LYS B 160 16.41 10.32 13.44
CA LYS B 160 15.76 9.30 12.61
C LYS B 160 16.30 9.37 11.20
N ILE B 161 16.60 8.21 10.63
CA ILE B 161 16.85 8.08 9.19
C ILE B 161 15.53 7.77 8.49
N ILE B 162 15.17 8.55 7.46
CA ILE B 162 14.03 8.28 6.61
C ILE B 162 14.58 7.98 5.23
N PRO B 163 14.22 6.83 4.64
CA PRO B 163 14.84 6.45 3.35
C PRO B 163 14.32 7.26 2.17
N VAL B 164 15.24 7.67 1.29
CA VAL B 164 14.93 8.38 0.06
C VAL B 164 15.12 7.50 -1.17
N ASP B 165 16.02 6.51 -1.08
CA ASP B 165 16.23 5.55 -2.19
C ASP B 165 14.84 5.02 -2.59
N SER B 166 14.52 5.05 -3.88
CA SER B 166 13.12 4.91 -4.32
C SER B 166 12.41 3.64 -3.83
N GLU B 167 13.13 2.53 -3.80
CA GLU B 167 12.54 1.23 -3.44
C GLU B 167 12.30 1.20 -1.93
N HIS B 168 13.19 1.83 -1.19
CA HIS B 168 13.16 1.80 0.27
C HIS B 168 12.12 2.81 0.76
N SER B 169 11.97 3.90 0.04
CA SER B 169 10.83 4.80 0.25
C SER B 169 9.51 4.07 0.00
N ALA B 170 9.45 3.28 -1.07
CA ALA B 170 8.24 2.51 -1.38
C ALA B 170 7.90 1.59 -0.22
N ILE B 171 8.89 0.82 0.25
CA ILE B 171 8.71 -0.10 1.37
C ILE B 171 8.17 0.67 2.57
N PHE B 172 8.82 1.80 2.89
CA PHE B 172 8.43 2.64 4.02
C PHE B 172 6.99 3.16 3.88
N GLN B 173 6.63 3.60 2.67
CA GLN B 173 5.25 4.01 2.38
C GLN B 173 4.17 2.90 2.51
N CYS B 174 4.58 1.64 2.41
CA CYS B 174 3.68 0.48 2.52
C CYS B 174 3.40 0.08 3.97
N LEU B 175 4.09 0.72 4.93
CA LEU B 175 3.96 0.38 6.33
C LEU B 175 2.96 1.31 7.00
N ASP B 176 2.36 0.79 8.06
CA ASP B 176 1.35 1.48 8.85
C ASP B 176 2.07 2.39 9.82
N ASN B 177 1.87 3.72 9.72
CA ASN B 177 2.54 4.65 10.64
C ASN B 177 2.17 4.49 12.09
N ASN B 178 0.99 3.93 12.38
CA ASN B 178 0.64 3.60 13.78
C ASN B 178 1.65 2.59 14.37
N LYS B 179 2.28 1.78 13.52
CA LYS B 179 3.35 0.86 13.94
C LYS B 179 4.73 1.50 13.76
N VAL B 180 4.97 2.17 12.63
CA VAL B 180 6.27 2.80 12.37
C VAL B 180 6.67 3.77 13.49
N LEU B 181 5.70 4.54 13.99
CA LEU B 181 5.97 5.50 15.06
C LEU B 181 6.37 4.89 16.41
N LYS B 182 6.21 3.58 16.57
CA LYS B 182 6.67 2.85 17.77
C LYS B 182 8.06 2.23 17.61
N THR B 183 8.70 2.50 16.47
CA THR B 183 10.06 2.06 16.21
C THR B 183 10.75 3.13 15.32
N LYS B 184 11.81 2.77 14.62
CA LYS B 184 12.45 3.67 13.66
C LYS B 184 13.42 2.86 12.81
N CYS B 185 13.78 3.40 11.65
CA CYS B 185 14.68 2.67 10.75
C CYS B 185 16.04 2.39 11.41
N LEU B 186 16.60 1.23 11.10
CA LEU B 186 17.85 0.71 11.66
C LEU B 186 17.77 0.24 13.11
N GLN B 187 16.56 0.13 13.65
CA GLN B 187 16.40 -0.32 15.01
C GLN B 187 16.06 -1.80 14.99
N ASP B 188 16.67 -2.57 15.89
CA ASP B 188 16.35 -3.99 16.02
C ASP B 188 14.87 -4.15 16.32
N ASN B 189 14.26 -5.17 15.72
CA ASN B 189 12.84 -5.47 15.84
C ASN B 189 11.90 -4.62 14.98
N PHE B 190 12.46 -3.81 14.09
CA PHE B 190 11.64 -3.02 13.19
C PHE B 190 10.64 -3.87 12.40
N SER B 191 11.10 -4.99 11.84
N SER B 191 11.09 -4.98 11.83
CA SER B 191 10.24 -5.87 11.05
CA SER B 191 10.20 -5.84 11.05
C SER B 191 9.14 -6.53 11.87
C SER B 191 9.12 -6.50 11.89
N LYS B 192 9.49 -6.99 13.07
CA LYS B 192 8.52 -7.60 13.99
C LYS B 192 7.41 -6.61 14.40
N ILE B 193 7.79 -5.40 14.79
CA ILE B 193 6.80 -4.39 15.20
C ILE B 193 5.86 -4.01 14.04
N ASN B 194 6.38 -3.97 12.82
CA ASN B 194 5.58 -3.64 11.63
C ASN B 194 4.89 -4.84 10.95
N ASN B 195 5.00 -6.03 11.54
CA ASN B 195 4.38 -7.25 11.01
C ASN B 195 4.88 -7.60 9.60
N ILE B 196 6.15 -7.28 9.32
CA ILE B 196 6.72 -7.57 8.01
C ILE B 196 7.12 -9.04 7.96
N ASN B 197 6.75 -9.73 6.88
CA ASN B 197 7.19 -11.11 6.64
C ASN B 197 8.27 -11.20 5.58
N LYS B 198 8.12 -10.44 4.50
CA LYS B 198 8.99 -10.57 3.32
C LYS B 198 8.93 -9.30 2.46
N ILE B 199 9.98 -9.06 1.69
CA ILE B 199 10.09 -7.90 0.82
C ILE B 199 10.30 -8.34 -0.64
N PHE B 200 9.50 -7.75 -1.54
CA PHE B 200 9.78 -7.77 -3.00
C PHE B 200 10.50 -6.48 -3.35
N LEU B 201 11.80 -6.60 -3.65
CA LEU B 201 12.64 -5.46 -4.00
C LEU B 201 12.69 -5.33 -5.53
N CYS B 202 11.98 -4.34 -6.07
CA CYS B 202 11.84 -4.20 -7.51
C CYS B 202 13.09 -3.61 -8.18
N SER B 203 13.42 -4.12 -9.37
CA SER B 203 14.53 -3.62 -10.19
C SER B 203 14.05 -3.34 -11.60
N SER B 204 14.61 -2.31 -12.24
CA SER B 204 14.35 -2.05 -13.67
C SER B 204 14.91 -3.18 -14.53
N GLY B 205 15.93 -3.87 -14.01
CA GLY B 205 16.67 -4.87 -14.75
C GLY B 205 17.87 -4.31 -15.49
N GLY B 206 17.93 -2.99 -15.69
CA GLY B 206 19.05 -2.35 -16.37
C GLY B 206 19.12 -2.66 -17.87
N PRO B 207 20.12 -2.07 -18.55
CA PRO B 207 20.18 -2.17 -20.02
C PRO B 207 20.56 -3.55 -20.59
N PHE B 208 21.15 -4.41 -19.77
CA PHE B 208 21.65 -5.69 -20.24
C PHE B 208 20.76 -6.88 -19.90
N GLN B 209 19.53 -6.60 -19.48
CA GLN B 209 18.67 -7.62 -18.89
C GLN B 209 18.35 -8.78 -19.85
N ASN B 210 18.27 -8.49 -21.14
CA ASN B 210 17.87 -9.50 -22.15
C ASN B 210 19.03 -10.03 -22.99
N LEU B 211 20.26 -9.70 -22.61
CA LEU B 211 21.45 -10.19 -23.33
C LEU B 211 21.75 -11.64 -23.00
N THR B 212 22.28 -12.35 -24.00
CA THR B 212 22.78 -13.71 -23.79
C THR B 212 24.11 -13.63 -23.04
N MET B 213 24.59 -14.76 -22.51
CA MET B 213 25.91 -14.83 -21.88
C MET B 213 27.02 -14.41 -22.85
N ASP B 214 26.93 -14.85 -24.10
CA ASP B 214 27.92 -14.43 -25.11
C ASP B 214 27.90 -12.93 -25.39
N GLU B 215 26.71 -12.33 -25.45
CA GLU B 215 26.58 -10.89 -25.61
C GLU B 215 27.09 -10.11 -24.37
N LEU B 216 26.78 -10.60 -23.17
CA LEU B 216 27.25 -9.95 -21.93
C LEU B 216 28.77 -9.85 -21.81
N LYS B 217 29.48 -10.87 -22.27
CA LYS B 217 30.95 -10.85 -22.26
C LYS B 217 31.57 -9.60 -22.91
N ASN B 218 30.90 -9.07 -23.93
CA ASN B 218 31.41 -7.98 -24.76
C ASN B 218 30.99 -6.58 -24.36
N VAL B 219 30.00 -6.45 -23.48
CA VAL B 219 29.40 -5.14 -23.23
C VAL B 219 30.42 -4.15 -22.68
N THR B 220 30.21 -2.89 -23.01
CA THR B 220 31.08 -1.80 -22.60
C THR B 220 30.31 -0.78 -21.80
N SER B 221 31.04 0.09 -21.14
CA SER B 221 30.42 1.19 -20.39
C SER B 221 29.62 2.10 -21.33
N GLU B 222 30.13 2.35 -22.54
CA GLU B 222 29.38 3.19 -23.50
C GLU B 222 27.98 2.58 -23.78
N ASN B 223 27.91 1.26 -23.93
CA ASN B 223 26.62 0.53 -24.09
C ASN B 223 25.68 0.81 -22.92
N ALA B 224 26.21 0.75 -21.70
CA ALA B 224 25.41 1.03 -20.49
C ALA B 224 24.93 2.48 -20.42
N LEU B 225 25.80 3.43 -20.76
CA LEU B 225 25.48 4.86 -20.64
C LEU B 225 24.63 5.41 -21.78
N LYS B 226 24.70 4.80 -22.96
CA LYS B 226 24.03 5.29 -24.17
C LYS B 226 22.53 5.05 -24.10
N HIS B 227 21.77 5.99 -24.68
CA HIS B 227 20.29 5.97 -24.69
C HIS B 227 19.71 5.30 -23.44
N PRO B 228 20.03 5.84 -22.24
CA PRO B 228 19.62 5.19 -21.00
C PRO B 228 18.12 5.37 -20.76
N LYS B 229 17.46 4.33 -20.26
CA LYS B 229 16.02 4.40 -19.94
C LYS B 229 15.77 5.59 -19.01
N TRP B 230 16.43 5.57 -17.86
CA TRP B 230 16.39 6.69 -16.91
C TRP B 230 17.74 7.40 -16.84
N LYS B 231 17.73 8.73 -16.98
CA LYS B 231 18.94 9.55 -16.88
C LYS B 231 19.35 9.72 -15.41
N MET B 232 20.55 9.25 -15.09
CA MET B 232 21.13 9.39 -13.75
C MET B 232 22.65 9.32 -13.85
N GLY B 233 23.35 9.43 -12.71
CA GLY B 233 24.81 9.49 -12.68
C GLY B 233 25.50 8.28 -13.26
N LYS B 234 26.79 8.43 -13.60
CA LYS B 234 27.54 7.34 -14.24
C LYS B 234 27.70 6.12 -13.32
N LYS B 235 28.01 6.36 -12.04
CA LYS B 235 28.30 5.25 -11.12
C LYS B 235 27.08 4.35 -10.93
N ILE B 236 25.94 4.95 -10.60
CA ILE B 236 24.70 4.17 -10.43
C ILE B 236 24.24 3.52 -11.74
N THR B 237 24.48 4.18 -12.89
CA THR B 237 24.13 3.59 -14.18
C THR B 237 24.90 2.29 -14.44
N ILE B 238 26.19 2.28 -14.13
CA ILE B 238 26.99 1.04 -14.24
C ILE B 238 26.49 -0.01 -13.23
N ASP B 239 26.22 0.40 -11.99
CA ASP B 239 25.62 -0.52 -10.99
C ASP B 239 24.27 -1.08 -11.43
N SER B 240 23.47 -0.29 -12.13
CA SER B 240 22.20 -0.78 -12.67
C SER B 240 22.46 -1.82 -13.75
N ALA B 241 23.47 -1.58 -14.58
CA ALA B 241 23.85 -2.53 -15.64
C ALA B 241 24.30 -3.90 -15.12
N THR B 242 25.10 -3.91 -14.05
CA THR B 242 25.56 -5.15 -13.42
C THR B 242 24.56 -5.74 -12.40
N MET B 243 23.51 -4.98 -12.09
CA MET B 243 22.60 -5.24 -10.98
C MET B 243 23.27 -5.19 -9.60
N MET B 244 24.48 -4.64 -9.50
CA MET B 244 25.09 -4.41 -8.18
C MET B 244 24.34 -3.29 -7.47
N ASN B 245 23.61 -2.45 -8.21
CA ASN B 245 22.74 -1.48 -7.55
C ASN B 245 21.73 -2.20 -6.68
N LYS B 246 21.08 -3.23 -7.22
CA LYS B 246 20.10 -4.01 -6.47
C LYS B 246 20.77 -4.84 -5.35
N GLY B 247 21.97 -5.35 -5.60
CA GLY B 247 22.75 -6.02 -4.56
C GLY B 247 22.97 -5.14 -3.32
N LEU B 248 23.43 -3.93 -3.58
CA LEU B 248 23.61 -2.91 -2.51
C LEU B 248 22.28 -2.60 -1.84
N GLU B 249 21.23 -2.50 -2.64
CA GLU B 249 19.88 -2.24 -2.09
C GLU B 249 19.30 -3.37 -1.25
N VAL B 250 19.75 -4.60 -1.47
CA VAL B 250 19.35 -5.75 -0.64
C VAL B 250 19.90 -5.54 0.77
N ILE B 251 21.18 -5.20 0.85
CA ILE B 251 21.85 -4.95 2.13
C ILE B 251 21.24 -3.70 2.81
N GLU B 252 20.99 -2.66 2.03
CA GLU B 252 20.28 -1.48 2.53
C GLU B 252 18.93 -1.85 3.19
N THR B 253 18.17 -2.73 2.54
CA THR B 253 16.88 -3.21 3.04
C THR B 253 17.05 -3.93 4.38
N HIS B 254 18.01 -4.86 4.44
CA HIS B 254 18.29 -5.58 5.67
C HIS B 254 18.56 -4.62 6.84
N PHE B 255 19.43 -3.62 6.65
CA PHE B 255 19.78 -2.69 7.73
C PHE B 255 18.65 -1.71 8.10
N LEU B 256 18.02 -1.09 7.10
CA LEU B 256 16.95 -0.14 7.37
C LEU B 256 15.76 -0.76 8.10
N PHE B 257 15.38 -1.98 7.70
CA PHE B 257 14.12 -2.57 8.14
C PHE B 257 14.25 -3.83 9.01
N ASP B 258 15.48 -4.27 9.29
CA ASP B 258 15.75 -5.51 10.05
C ASP B 258 15.03 -6.71 9.44
N VAL B 259 15.18 -6.86 8.12
CA VAL B 259 14.61 -7.96 7.37
C VAL B 259 15.74 -8.95 7.09
N ASP B 260 15.51 -10.23 7.36
CA ASP B 260 16.50 -11.27 7.08
C ASP B 260 16.74 -11.40 5.58
N TYR B 261 17.97 -11.72 5.19
CA TYR B 261 18.32 -11.87 3.77
C TYR B 261 17.48 -12.91 3.03
N ASN B 262 17.12 -14.01 3.71
CA ASN B 262 16.24 -15.02 3.10
C ASN B 262 14.82 -14.51 2.83
N ASP B 263 14.45 -13.37 3.44
CA ASP B 263 13.14 -12.75 3.25
C ASP B 263 13.16 -11.50 2.32
N ILE B 264 14.20 -11.36 1.52
CA ILE B 264 14.29 -10.30 0.52
C ILE B 264 14.42 -10.96 -0.84
N GLU B 265 13.45 -10.70 -1.71
CA GLU B 265 13.44 -11.27 -3.07
C GLU B 265 13.59 -10.12 -4.06
N VAL B 266 14.59 -10.22 -4.94
CA VAL B 266 14.75 -9.23 -6.02
C VAL B 266 13.85 -9.65 -7.17
N ILE B 267 13.05 -8.70 -7.67
CA ILE B 267 12.16 -8.98 -8.79
C ILE B 267 12.37 -7.93 -9.88
N VAL B 268 12.51 -8.39 -11.13
CA VAL B 268 12.71 -7.47 -12.27
C VAL B 268 11.35 -7.01 -12.76
N HIS B 269 11.12 -5.69 -12.65
CA HIS B 269 9.89 -5.04 -13.04
C HIS B 269 10.25 -3.90 -14.00
N LYS B 270 10.28 -4.22 -15.29
CA LYS B 270 10.89 -3.33 -16.29
C LYS B 270 10.13 -2.01 -16.50
N GLU B 271 8.84 -1.98 -16.19
CA GLU B 271 8.06 -0.74 -16.38
C GLU B 271 8.32 0.32 -15.32
N CYS B 272 8.92 -0.08 -14.19
CA CYS B 272 9.30 0.86 -13.12
C CYS B 272 8.12 1.69 -12.59
N ILE B 273 6.95 1.06 -12.49
CA ILE B 273 5.75 1.68 -11.92
C ILE B 273 5.56 1.27 -10.45
N ILE B 274 5.55 -0.03 -10.17
CA ILE B 274 5.61 -0.54 -8.81
C ILE B 274 7.05 -0.40 -8.30
N HIS B 275 7.24 0.26 -7.18
CA HIS B 275 8.60 0.58 -6.72
C HIS B 275 9.19 -0.40 -5.70
N SER B 276 8.30 -1.15 -5.05
CA SER B 276 8.61 -2.36 -4.26
C SER B 276 7.33 -2.75 -3.50
N CYS B 277 7.32 -3.93 -2.88
CA CYS B 277 6.14 -4.46 -2.19
C CYS B 277 6.53 -5.08 -0.86
N VAL B 278 5.63 -5.02 0.11
CA VAL B 278 5.82 -5.62 1.41
C VAL B 278 4.75 -6.69 1.63
N GLU B 279 5.19 -7.91 1.96
CA GLU B 279 4.32 -8.97 2.41
C GLU B 279 4.29 -8.97 3.93
N PHE B 280 3.09 -8.90 4.50
CA PHE B 280 2.91 -8.94 5.95
C PHE B 280 2.68 -10.37 6.43
N ILE B 281 2.68 -10.55 7.75
CA ILE B 281 2.62 -11.90 8.35
C ILE B 281 1.33 -12.70 8.05
N ASP B 282 0.25 -12.00 7.66
CA ASP B 282 -0.98 -12.64 7.21
C ASP B 282 -0.96 -13.06 5.74
N LYS B 283 0.11 -12.67 5.02
CA LYS B 283 0.33 -12.84 3.56
C LYS B 283 -0.34 -11.79 2.67
N SER B 284 -1.01 -10.79 3.24
CA SER B 284 -1.45 -9.65 2.43
C SER B 284 -0.21 -8.88 1.96
N VAL B 285 -0.24 -8.42 0.70
CA VAL B 285 0.86 -7.65 0.12
C VAL B 285 0.40 -6.21 -0.16
N ILE B 286 1.22 -5.24 0.25
CA ILE B 286 0.98 -3.82 -0.03
C ILE B 286 2.14 -3.34 -0.93
N SER B 287 1.81 -2.53 -1.93
CA SER B 287 2.82 -1.95 -2.82
C SER B 287 2.61 -0.45 -3.01
N GLN B 288 3.68 0.22 -3.43
CA GLN B 288 3.62 1.64 -3.78
C GLN B 288 3.98 1.82 -5.25
N MET B 289 3.24 2.71 -5.89
CA MET B 289 3.29 2.91 -7.34
C MET B 289 3.29 4.39 -7.70
N TYR B 290 4.07 4.73 -8.73
CA TYR B 290 3.99 6.03 -9.37
C TYR B 290 4.88 5.95 -10.63
N TYR B 291 4.80 6.95 -11.51
CA TYR B 291 5.81 7.09 -12.57
C TYR B 291 7.22 7.14 -11.97
N PRO B 292 8.23 6.65 -12.70
CA PRO B 292 9.59 6.78 -12.18
C PRO B 292 9.99 8.26 -12.09
N ASP B 293 10.11 8.77 -10.86
CA ASP B 293 10.29 10.19 -10.59
C ASP B 293 10.74 10.28 -9.15
N MET B 294 11.92 10.83 -8.90
CA MET B 294 12.43 10.95 -7.52
C MET B 294 11.69 11.97 -6.64
N GLN B 295 10.82 12.82 -7.20
CA GLN B 295 10.16 13.82 -6.37
C GLN B 295 9.28 13.20 -5.28
N ILE B 296 8.61 12.08 -5.57
CA ILE B 296 7.72 11.45 -4.58
C ILE B 296 8.52 10.90 -3.37
N PRO B 297 9.58 10.11 -3.62
CA PRO B 297 10.40 9.64 -2.48
C PRO B 297 11.02 10.75 -1.65
N ILE B 298 11.53 11.80 -2.29
CA ILE B 298 12.09 12.93 -1.58
C ILE B 298 11.00 13.63 -0.77
N LEU B 299 9.85 13.88 -1.39
CA LEU B 299 8.76 14.58 -0.71
C LEU B 299 8.29 13.85 0.53
N TYR B 300 8.08 12.55 0.40
CA TYR B 300 7.61 11.77 1.53
C TYR B 300 8.61 11.81 2.68
N SER B 301 9.92 11.82 2.39
CA SER B 301 10.91 11.83 3.46
C SER B 301 10.78 13.12 4.27
N LEU B 302 10.34 14.20 3.62
CA LEU B 302 10.14 15.50 4.28
C LEU B 302 8.75 15.74 4.88
N THR B 303 7.74 14.98 4.46
CA THR B 303 6.38 15.13 4.99
C THR B 303 6.01 14.07 6.02
N TRP B 304 6.63 12.89 5.93
CA TRP B 304 6.36 11.76 6.85
C TRP B 304 6.29 12.27 8.29
N PRO B 305 5.28 11.83 9.07
CA PRO B 305 4.22 10.85 8.79
C PRO B 305 2.96 11.37 8.09
N ASP B 306 3.00 12.59 7.55
CA ASP B 306 1.87 13.16 6.81
CA ASP B 306 1.89 13.19 6.82
C ASP B 306 2.19 13.17 5.33
N ARG B 307 1.20 13.56 4.51
CA ARG B 307 1.38 13.83 3.08
C ARG B 307 0.80 15.22 2.79
N ILE B 308 1.27 15.85 1.72
CA ILE B 308 0.75 17.16 1.31
C ILE B 308 0.41 17.16 -0.18
N LYS B 309 -0.37 18.14 -0.59
CA LYS B 309 -0.81 18.22 -1.97
C LYS B 309 0.33 18.57 -2.94
N THR B 310 0.37 17.87 -4.08
CA THR B 310 1.22 18.26 -5.22
C THR B 310 0.37 18.46 -6.44
N ASN B 311 0.99 19.00 -7.50
CA ASN B 311 0.39 19.05 -8.84
C ASN B 311 1.11 18.13 -9.82
N LEU B 312 1.65 17.01 -9.32
CA LEU B 312 2.27 16.01 -10.18
C LEU B 312 1.23 15.34 -11.06
N LYS B 313 1.68 14.85 -12.21
CA LYS B 313 0.81 14.12 -13.13
C LYS B 313 0.24 12.87 -12.46
N PRO B 314 -1.09 12.72 -12.46
CA PRO B 314 -1.67 11.48 -11.89
C PRO B 314 -1.36 10.22 -12.70
N LEU B 315 -1.08 9.12 -12.00
CA LEU B 315 -0.84 7.83 -12.62
C LEU B 315 -2.05 7.38 -13.44
N ASP B 316 -1.82 7.07 -14.70
CA ASP B 316 -2.85 6.61 -15.60
C ASP B 316 -2.61 5.11 -15.82
N LEU B 317 -3.21 4.26 -14.97
CA LEU B 317 -2.99 2.81 -15.03
C LEU B 317 -3.48 2.16 -16.31
N ALA B 318 -4.62 2.63 -16.83
CA ALA B 318 -5.10 2.12 -18.11
C ALA B 318 -4.11 2.41 -19.24
N GLN B 319 -3.49 3.59 -19.23
CA GLN B 319 -2.47 3.93 -20.25
C GLN B 319 -1.19 3.10 -20.06
N VAL B 320 -0.75 2.97 -18.82
CA VAL B 320 0.39 2.08 -18.50
C VAL B 320 0.10 0.66 -19.03
N SER B 321 -1.11 0.17 -18.74
CA SER B 321 -1.70 -1.03 -19.36
C SER B 321 -1.20 -2.39 -18.86
N THR B 322 0.12 -2.55 -18.79
CA THR B 322 0.73 -3.84 -18.50
C THR B 322 1.90 -3.65 -17.54
N LEU B 323 1.92 -4.45 -16.46
CA LEU B 323 3.03 -4.55 -15.52
C LEU B 323 3.59 -5.99 -15.53
N THR B 324 4.91 -6.14 -15.59
CA THR B 324 5.55 -7.46 -15.65
C THR B 324 6.55 -7.69 -14.53
N PHE B 325 6.76 -8.96 -14.20
CA PHE B 325 7.64 -9.40 -13.11
C PHE B 325 8.34 -10.71 -13.46
N HIS B 326 9.66 -10.73 -13.33
CA HIS B 326 10.41 -11.98 -13.47
C HIS B 326 11.63 -12.06 -12.56
N LYS B 327 12.13 -13.28 -12.37
CA LYS B 327 13.30 -13.51 -11.54
C LYS B 327 14.57 -13.11 -12.30
N PRO B 328 15.56 -12.52 -11.61
CA PRO B 328 16.83 -12.22 -12.26
C PRO B 328 17.72 -13.47 -12.34
N SER B 329 18.50 -13.59 -13.40
CA SER B 329 19.43 -14.70 -13.52
C SER B 329 20.73 -14.37 -12.78
N LEU B 330 21.06 -15.16 -11.75
CA LEU B 330 22.30 -14.94 -10.99
C LEU B 330 23.56 -15.27 -11.79
N GLU B 331 23.43 -16.11 -12.81
CA GLU B 331 24.55 -16.42 -13.72
C GLU B 331 24.87 -15.20 -14.58
N HIS B 332 23.84 -14.50 -15.07
CA HIS B 332 24.04 -13.28 -15.86
C HIS B 332 24.44 -12.08 -15.01
N PHE B 333 23.96 -12.04 -13.77
CA PHE B 333 24.19 -10.94 -12.83
C PHE B 333 24.78 -11.44 -11.51
N PRO B 334 26.02 -11.98 -11.58
CA PRO B 334 26.66 -12.52 -10.37
C PRO B 334 26.87 -11.52 -9.24
N CYS B 335 26.87 -10.21 -9.53
CA CYS B 335 26.94 -9.19 -8.48
C CYS B 335 25.82 -9.33 -7.44
N ILE B 336 24.64 -9.80 -7.86
CA ILE B 336 23.54 -10.02 -6.92
C ILE B 336 23.92 -11.09 -5.92
N LYS B 337 24.41 -12.22 -6.42
CA LYS B 337 24.86 -13.33 -5.57
C LYS B 337 25.90 -12.88 -4.55
N LEU B 338 26.90 -12.16 -5.02
CA LEU B 338 27.96 -11.64 -4.17
C LEU B 338 27.44 -10.74 -3.05
N ALA B 339 26.48 -9.89 -3.37
CA ALA B 339 25.86 -9.02 -2.38
C ALA B 339 25.13 -9.80 -1.29
N TYR B 340 24.35 -10.82 -1.67
CA TYR B 340 23.68 -11.70 -0.68
C TYR B 340 24.71 -12.44 0.15
N GLN B 341 25.73 -12.99 -0.50
CA GLN B 341 26.77 -13.72 0.24
C GLN B 341 27.47 -12.82 1.27
N ALA B 342 27.84 -11.61 0.86
CA ALA B 342 28.47 -10.65 1.76
C ALA B 342 27.54 -10.24 2.91
N GLY B 343 26.27 -10.02 2.59
CA GLY B 343 25.28 -9.70 3.61
C GLY B 343 25.08 -10.80 4.64
N ILE B 344 24.92 -12.02 4.15
CA ILE B 344 24.70 -13.19 5.00
C ILE B 344 25.93 -13.47 5.87
N LYS B 345 27.13 -13.35 5.29
CA LYS B 345 28.35 -13.54 6.07
C LYS B 345 28.44 -12.49 7.19
N GLY B 346 27.98 -11.28 6.90
CA GLY B 346 27.84 -10.25 7.90
C GLY B 346 29.16 -9.61 8.24
N ASN B 347 29.33 -9.23 9.51
CA ASN B 347 30.55 -8.55 9.92
C ASN B 347 30.80 -7.35 8.98
N PHE B 348 32.04 -7.13 8.50
CA PHE B 348 32.35 -5.98 7.62
C PHE B 348 32.43 -6.38 6.14
N TYR B 349 31.94 -7.58 5.80
CA TYR B 349 31.90 -8.00 4.39
C TYR B 349 31.10 -7.03 3.49
N PRO B 350 29.98 -6.46 3.99
CA PRO B 350 29.35 -5.39 3.19
C PRO B 350 30.26 -4.17 2.92
N THR B 351 31.05 -3.75 3.91
CA THR B 351 32.03 -2.66 3.72
C THR B 351 32.99 -3.02 2.59
N VAL B 352 33.43 -4.26 2.60
CA VAL B 352 34.39 -4.75 1.60
C VAL B 352 33.75 -4.84 0.22
N LEU B 353 32.51 -5.34 0.16
CA LEU B 353 31.72 -5.41 -1.08
C LEU B 353 31.60 -4.03 -1.71
N ASN B 354 31.18 -3.05 -0.91
CA ASN B 354 30.98 -1.70 -1.43
C ASN B 354 32.29 -1.08 -1.95
N ALA B 355 33.36 -1.23 -1.20
CA ALA B 355 34.64 -0.60 -1.55
C ALA B 355 35.24 -1.20 -2.80
N SER B 356 35.24 -2.53 -2.87
CA SER B 356 35.75 -3.23 -4.06
C SER B 356 34.89 -2.95 -5.31
N ASN B 357 33.58 -2.84 -5.12
CA ASN B 357 32.71 -2.42 -6.24
C ASN B 357 33.01 -0.99 -6.70
N GLU B 358 33.28 -0.08 -5.77
CA GLU B 358 33.68 1.29 -6.12
C GLU B 358 34.82 1.29 -7.15
N ILE B 359 35.84 0.50 -6.89
CA ILE B 359 36.98 0.35 -7.79
C ILE B 359 36.63 -0.40 -9.08
N ALA B 360 36.01 -1.57 -8.98
CA ALA B 360 35.65 -2.37 -10.18
C ALA B 360 34.70 -1.63 -11.13
N ASN B 361 33.69 -0.97 -10.56
CA ASN B 361 32.76 -0.08 -11.32
C ASN B 361 33.54 0.95 -12.14
N ASN B 362 34.45 1.66 -11.48
CA ASN B 362 35.23 2.70 -12.12
C ASN B 362 36.21 2.18 -13.19
N LEU B 363 36.81 1.03 -12.95
CA LEU B 363 37.66 0.38 -13.97
C LEU B 363 36.86 0.05 -15.23
N PHE B 364 35.67 -0.54 -15.04
CA PHE B 364 34.78 -0.83 -16.18
C PHE B 364 34.30 0.44 -16.87
N LEU B 365 33.89 1.45 -16.09
CA LEU B 365 33.51 2.76 -16.63
C LEU B 365 34.59 3.34 -17.56
N ASN B 366 35.83 3.24 -17.13
CA ASN B 366 36.98 3.76 -17.89
C ASN B 366 37.64 2.73 -18.83
N ASN B 367 36.91 1.66 -19.16
CA ASN B 367 37.31 0.72 -20.22
C ASN B 367 38.58 -0.10 -19.94
N LYS B 368 38.88 -0.34 -18.66
CA LYS B 368 40.09 -1.06 -18.25
C LYS B 368 39.86 -2.56 -18.05
N ILE B 369 38.61 -2.94 -17.77
CA ILE B 369 38.26 -4.34 -17.52
C ILE B 369 36.93 -4.66 -18.19
N LYS B 370 36.62 -5.95 -18.31
CA LYS B 370 35.37 -6.41 -18.92
C LYS B 370 34.27 -6.65 -17.88
N TYR B 371 33.05 -6.86 -18.37
CA TYR B 371 31.86 -7.02 -17.51
C TYR B 371 32.05 -8.04 -16.38
N PHE B 372 32.42 -9.27 -16.73
CA PHE B 372 32.59 -10.33 -15.75
C PHE B 372 33.83 -10.18 -14.88
N ASP B 373 34.79 -9.34 -15.29
CA ASP B 373 35.92 -8.98 -14.41
C ASP B 373 35.46 -8.20 -13.19
N ILE B 374 34.32 -7.49 -13.29
CA ILE B 374 33.80 -6.71 -12.17
C ILE B 374 33.52 -7.61 -10.97
N SER B 375 32.67 -8.60 -11.20
CA SER B 375 32.33 -9.60 -10.18
C SER B 375 33.54 -10.48 -9.81
N SER B 376 34.44 -10.76 -10.76
CA SER B 376 35.68 -11.48 -10.43
C SER B 376 36.54 -10.75 -9.40
N ILE B 377 36.78 -9.45 -9.60
CA ILE B 377 37.58 -8.64 -8.68
C ILE B 377 36.90 -8.55 -7.31
N ILE B 378 35.60 -8.33 -7.30
CA ILE B 378 34.86 -8.19 -6.03
C ILE B 378 34.94 -9.49 -5.22
N SER B 379 34.68 -10.60 -5.91
CA SER B 379 34.76 -11.94 -5.31
C SER B 379 36.13 -12.19 -4.66
N GLN B 380 37.20 -11.86 -5.39
CA GLN B 380 38.57 -12.07 -4.88
C GLN B 380 38.91 -11.22 -3.65
N VAL B 381 38.44 -9.97 -3.63
CA VAL B 381 38.67 -9.10 -2.48
C VAL B 381 37.91 -9.66 -1.27
N LEU B 382 36.65 -10.06 -1.48
CA LEU B 382 35.86 -10.70 -0.41
C LEU B 382 36.54 -11.95 0.17
N GLU B 383 37.09 -12.78 -0.72
CA GLU B 383 37.90 -13.94 -0.32
C GLU B 383 39.18 -13.60 0.45
N SER B 384 39.73 -12.41 0.24
N SER B 384 39.72 -12.41 0.24
CA SER B 384 40.94 -11.95 0.92
CA SER B 384 40.94 -11.95 0.92
C SER B 384 40.72 -11.19 2.23
C SER B 384 40.73 -11.32 2.31
N PHE B 385 39.47 -11.09 2.71
CA PHE B 385 39.16 -10.41 3.98
C PHE B 385 38.90 -11.41 5.10
N ASN B 386 39.33 -11.07 6.30
CA ASN B 386 39.09 -11.89 7.49
C ASN B 386 38.15 -11.09 8.40
N SER B 387 37.17 -11.76 9.00
CA SER B 387 36.26 -11.07 9.93
C SER B 387 37.02 -10.45 11.10
N GLN B 388 36.53 -9.31 11.58
CA GLN B 388 37.16 -8.61 12.70
C GLN B 388 36.15 -8.45 13.83
N LYS B 389 36.64 -8.46 15.07
CA LYS B 389 35.80 -8.08 16.21
C LYS B 389 35.31 -6.64 16.04
N VAL B 390 34.02 -6.43 16.26
CA VAL B 390 33.40 -5.14 16.01
C VAL B 390 33.69 -4.23 17.19
N SER B 391 34.32 -3.08 16.93
CA SER B 391 34.65 -2.11 17.99
C SER B 391 33.38 -1.69 18.74
N GLU B 392 33.47 -1.64 20.07
CA GLU B 392 32.34 -1.22 20.90
C GLU B 392 32.20 0.31 20.92
N ASN B 393 33.33 1.02 20.93
CA ASN B 393 33.33 2.48 20.91
C ASN B 393 32.97 2.99 19.51
N SER B 394 32.19 4.08 19.44
CA SER B 394 31.65 4.56 18.16
C SER B 394 32.71 5.26 17.30
N GLU B 395 33.62 6.01 17.93
CA GLU B 395 34.74 6.62 17.20
C GLU B 395 35.72 5.54 16.68
N ASP B 396 35.95 4.48 17.47
CA ASP B 396 36.77 3.34 17.05
C ASP B 396 36.09 2.60 15.90
N LEU B 397 34.76 2.46 15.98
CA LEU B 397 33.99 1.75 14.96
C LEU B 397 34.05 2.48 13.61
N MET B 398 33.92 3.82 13.64
CA MET B 398 34.04 4.63 12.41
C MET B 398 35.42 4.46 11.79
N LYS B 399 36.46 4.53 12.62
CA LYS B 399 37.84 4.33 12.15
C LYS B 399 38.07 2.93 11.56
N GLN B 400 37.47 1.93 12.17
CA GLN B 400 37.55 0.55 11.72
C GLN B 400 36.92 0.39 10.32
N ILE B 401 35.72 0.94 10.16
CA ILE B 401 35.04 0.95 8.84
C ILE B 401 35.88 1.66 7.75
N LEU B 402 36.42 2.83 8.07
CA LEU B 402 37.20 3.61 7.10
C LEU B 402 38.48 2.88 6.69
N GLN B 403 39.12 2.27 7.67
CA GLN B 403 40.35 1.54 7.39
C GLN B 403 40.07 0.29 6.52
N ILE B 404 38.97 -0.42 6.79
CA ILE B 404 38.56 -1.58 5.98
C ILE B 404 38.18 -1.13 4.56
N HIS B 405 37.44 -0.02 4.46
CA HIS B 405 37.12 0.59 3.16
C HIS B 405 38.40 0.89 2.35
N SER B 406 39.37 1.54 2.98
CA SER B 406 40.63 1.88 2.33
C SER B 406 41.43 0.64 1.89
N TRP B 407 41.51 -0.36 2.77
CA TRP B 407 42.15 -1.64 2.47
C TRP B 407 41.53 -2.32 1.24
N ALA B 408 40.20 -2.36 1.20
CA ALA B 408 39.48 -3.09 0.16
C ALA B 408 39.62 -2.43 -1.21
N LYS B 409 39.65 -1.10 -1.24
CA LYS B 409 39.88 -0.36 -2.50
C LYS B 409 41.29 -0.66 -3.02
N ASP B 410 42.27 -0.55 -2.14
CA ASP B 410 43.67 -0.87 -2.47
C ASP B 410 43.82 -2.32 -2.95
N LYS B 411 43.14 -3.26 -2.28
CA LYS B 411 43.21 -4.68 -2.67
C LYS B 411 42.61 -4.93 -4.07
N ALA B 412 41.49 -4.28 -4.37
CA ALA B 412 40.89 -4.37 -5.71
C ALA B 412 41.86 -3.86 -6.78
N THR B 413 42.45 -2.70 -6.52
CA THR B 413 43.43 -2.09 -7.42
C THR B 413 44.68 -2.96 -7.62
N ASP B 414 45.17 -3.56 -6.55
CA ASP B 414 46.34 -4.46 -6.63
C ASP B 414 46.04 -5.70 -7.47
N ILE B 415 44.84 -6.27 -7.31
CA ILE B 415 44.39 -7.39 -8.12
C ILE B 415 44.32 -6.98 -9.60
N TYR B 416 43.78 -5.79 -9.87
CA TYR B 416 43.75 -5.27 -11.25
C TYR B 416 45.17 -5.12 -11.82
N ASN B 417 46.05 -4.47 -11.06
CA ASN B 417 47.44 -4.26 -11.48
C ASN B 417 48.22 -5.57 -11.72
N LYS B 418 47.97 -6.60 -10.90
CA LYS B 418 48.65 -7.91 -11.04
C LYS B 418 48.26 -8.63 -12.33
N HIS B 419 46.98 -8.99 -12.43
CA HIS B 419 46.43 -9.67 -13.59
C HIS B 419 45.98 -8.61 -14.60
N ASN B 420 46.95 -7.90 -15.16
CA ASN B 420 46.68 -6.72 -15.98
C ASN B 420 46.26 -7.12 -17.39
#